data_8KCI
#
_entry.id   8KCI
#
_cell.length_a   1.00
_cell.length_b   1.00
_cell.length_c   1.00
_cell.angle_alpha   90.00
_cell.angle_beta   90.00
_cell.angle_gamma   90.00
#
_symmetry.space_group_name_H-M   'P 1'
#
loop_
_entity.id
_entity.type
_entity.pdbx_description
1 polymer 'ATP-binding cassette sub-family C member 5'
2 non-polymer "ADENOSINE-5'-TRIPHOSPHATE"
3 non-polymer 'MAGNESIUM ION'
#
_entity_poly.entity_id   1
_entity_poly.type   'polypeptide(L)'
_entity_poly.pdbx_seq_one_letter_code
;MKDIDIGKEYIIPSPGYRSVRERTSTSGTHRDREDSKFRRTRPLECQDALETAARAEGLSLDASMHSQLRILDEEHPKGK
YHHGLSALKPIRTTSKHQHPVDNAGLFSCMTFSWLSSLARVAHKKGELSMEDVWSLSKHESSDVNCRRLERLWQEELNEV
GPDAASLRRVVWIFCRTRLILSIVCLMITQLAGFSGPAFMVKHLLEYTQATESNLQYSLLLVLGLLLTEIVRSWSLALTW
ALNYRTGVRLRGAILTMAFKKILKLKNIKEKSLGELINICSNDGQRMFEAAAVGSLLAGGPVVAILGMIYNVIILGPTGF
LGSAVFILFYPAMMFASRLTAYFRRKCVAATDERVQKMNEVLTYIKFIKMYAWVKAFSQSVQKIREEERRILEKAGYFQS
ITVGVAPIVVVIASVVTFSVHMTLGFDLTAAQAFTVVTVFNSMTFALKVTPFSVKSLSEASVAVDRFKSLFLMEEVHMIK
NKPASPHIKIEMKNATLAWDSSHSSIQNSPKLTPKMKKDKRASRGKKEKVRQLQRTEHQAVLAEQKGHLLLDSDERPSPE
EEEGKHIHLGHLRLQRTLHSIDLEIQEGKLVGICGSVGSGKTSLISAILGQMTLLEGSIAISGTFAYVAQQAWILNATLR
DNILFGKEYDEERYNSVLNSCCLRPDLAILPSSDLTEIGERGANLSGGQRQRISLARALYSDRSIYILDDPLSALCAHVG
NHIFNSAIRKHLKSKTVLFVTHQLQYLVDCDEVIFMKEGCITERGTHEELMNLNGDYATIFNNLLLGETPPVEINSKKET
SGSQKKSQDKGPKTGSVKKEKAVKPEEGQLVQLEEKGQGSVPWSVYGVYIQAAGGPLAFLVIMALFMLNVGSTAFSTWWL
SYWIKQGSGNTTVTRGNETSVSDSMKDNPHMQYYASIYALSMAVMLILKAIRGVVFVKGTLRASSRLHDELFRRILRSPM
KFFDTTPTGRILNRFSKDMDEVDVRLPFQAEMFIQNVILVFFCVGMIAGVFPWFLVAVGPLVILFSVLHIVSRVLIRELK
RLDNITQSPFLSHITSSIQGLATIHAYNKGQEFLHRYQELLDDNQAPFFLFTCAMRWLAVRLDLISIALITTTGLMIVLM
HGQIPPAYAGLAISYAVQLTGLFQFTVRLASETEARFTSVERINHYIKTLSLEAPARIKNKAPSPDWPQEGEVTFENAEM
RYRENLPLVLKKVSFTIKPKEKIGIVGRTGSGKSSLGMALFRLVELSGGCIKIDGVRISDIGLADLRSKLSIIPQEPVLF
SGTVRSNLDPFNQYTEDQIWDALERTHMKECIAQLPLKLESEVMENGDNFSVGERQLLCIARALLRHCKILILDQATAAM
DTETDLLIQETIREAFADCTMLTIACRLHTVLGSDRIMVLAQGQVVEFDTPSVLLSNDSSRFYAMFAAAENKVAVKG
;
_entity_poly.pdbx_strand_id   A
#
# COMPACT_ATOMS: atom_id res chain seq x y z
N THR A 94 30.19 -7.98 -16.28
CA THR A 94 28.83 -8.39 -15.96
C THR A 94 28.81 -9.43 -14.84
N SER A 95 29.20 -10.66 -15.17
CA SER A 95 29.32 -11.79 -14.26
C SER A 95 27.99 -12.24 -13.66
N LYS A 96 26.88 -11.60 -14.03
CA LYS A 96 25.57 -11.99 -13.53
C LYS A 96 24.68 -12.56 -14.63
N HIS A 97 24.46 -11.80 -15.70
CA HIS A 97 23.66 -12.27 -16.82
C HIS A 97 24.11 -11.51 -18.08
N GLN A 98 23.97 -12.18 -19.22
CA GLN A 98 24.40 -11.56 -20.47
C GLN A 98 23.57 -10.33 -20.79
N HIS A 99 22.25 -10.42 -20.64
CA HIS A 99 21.31 -9.36 -20.99
C HIS A 99 21.56 -8.88 -22.42
N PRO A 100 21.16 -9.67 -23.42
CA PRO A 100 21.55 -9.37 -24.81
C PRO A 100 20.98 -8.08 -25.37
N VAL A 101 20.26 -7.29 -24.58
CA VAL A 101 19.64 -6.08 -25.11
C VAL A 101 20.68 -5.03 -25.43
N ASP A 102 21.69 -4.87 -24.56
CA ASP A 102 22.61 -3.75 -24.65
C ASP A 102 23.79 -4.00 -25.58
N ASN A 103 23.80 -5.11 -26.32
CA ASN A 103 24.89 -5.41 -27.25
C ASN A 103 24.27 -6.00 -28.50
N ALA A 104 25.11 -6.63 -29.33
CA ALA A 104 24.69 -7.25 -30.59
C ALA A 104 24.06 -6.20 -31.53
N GLY A 105 24.91 -5.25 -31.94
CA GLY A 105 24.47 -4.18 -32.82
C GLY A 105 24.11 -4.63 -34.23
N LEU A 106 24.51 -5.83 -34.62
CA LEU A 106 24.14 -6.36 -35.94
C LEU A 106 22.64 -6.64 -35.97
N PHE A 107 22.17 -7.15 -37.11
CA PHE A 107 20.73 -7.33 -37.31
C PHE A 107 20.20 -8.46 -36.45
N SER A 108 20.22 -8.27 -35.13
CA SER A 108 19.68 -9.25 -34.20
C SER A 108 18.82 -8.65 -33.10
N CYS A 109 18.91 -7.35 -32.82
CA CYS A 109 18.24 -6.77 -31.66
C CYS A 109 17.21 -5.71 -32.00
N MET A 110 17.26 -5.13 -33.21
CA MET A 110 16.24 -4.15 -33.59
C MET A 110 14.86 -4.80 -33.66
N THR A 111 14.77 -5.98 -34.25
CA THR A 111 13.53 -6.75 -34.19
C THR A 111 13.48 -7.56 -32.91
N PHE A 112 12.25 -7.89 -32.50
CA PHE A 112 12.04 -8.64 -31.27
C PHE A 112 12.38 -10.10 -31.53
N SER A 113 13.64 -10.45 -31.26
CA SER A 113 14.11 -11.81 -31.48
C SER A 113 14.91 -12.37 -30.32
N TRP A 114 15.33 -11.56 -29.35
CA TRP A 114 16.09 -12.10 -28.22
C TRP A 114 15.21 -12.90 -27.28
N LEU A 115 13.90 -12.74 -27.36
CA LEU A 115 12.97 -13.47 -26.50
C LEU A 115 12.70 -14.89 -26.99
N SER A 116 13.19 -15.26 -28.16
CA SER A 116 12.97 -16.63 -28.64
C SER A 116 13.73 -17.64 -27.79
N SER A 117 14.78 -17.21 -27.08
CA SER A 117 15.51 -18.12 -26.21
C SER A 117 14.67 -18.51 -25.00
N LEU A 118 14.00 -17.54 -24.38
CA LEU A 118 13.17 -17.83 -23.21
C LEU A 118 11.90 -18.57 -23.55
N ALA A 119 11.49 -18.58 -24.83
CA ALA A 119 10.24 -19.25 -25.19
C ALA A 119 10.36 -20.76 -25.08
N ARG A 120 11.56 -21.31 -25.30
CA ARG A 120 11.77 -22.74 -25.13
C ARG A 120 11.57 -23.14 -23.68
N VAL A 121 12.27 -22.45 -22.77
CA VAL A 121 12.23 -22.76 -21.35
C VAL A 121 10.84 -22.51 -20.81
N ALA A 122 10.10 -21.60 -21.45
CA ALA A 122 8.76 -21.27 -21.00
C ALA A 122 7.83 -22.47 -21.06
N HIS A 123 7.91 -23.25 -22.14
CA HIS A 123 7.04 -24.39 -22.32
C HIS A 123 7.75 -25.73 -22.15
N LYS A 124 9.09 -25.74 -22.11
CA LYS A 124 9.81 -26.97 -21.82
C LYS A 124 9.50 -27.46 -20.41
N LYS A 125 9.65 -26.58 -19.42
CA LYS A 125 9.26 -26.86 -18.05
C LYS A 125 7.85 -26.39 -17.75
N GLY A 126 7.21 -25.71 -18.69
CA GLY A 126 5.92 -25.10 -18.41
C GLY A 126 5.98 -24.04 -17.34
N GLU A 127 7.13 -23.40 -17.17
CA GLU A 127 7.33 -22.47 -16.07
C GLU A 127 8.49 -21.52 -16.35
N LEU A 128 8.80 -20.66 -15.37
CA LEU A 128 9.96 -19.78 -15.44
C LEU A 128 10.34 -19.38 -14.02
N SER A 129 11.46 -19.91 -13.53
CA SER A 129 11.86 -19.72 -12.15
C SER A 129 12.65 -18.40 -12.00
N MET A 130 13.20 -18.18 -10.81
CA MET A 130 13.89 -16.93 -10.51
C MET A 130 15.32 -16.90 -11.04
N GLU A 131 15.85 -18.03 -11.48
CA GLU A 131 17.26 -18.12 -11.88
C GLU A 131 17.48 -17.85 -13.36
N ASP A 132 16.42 -17.64 -14.14
CA ASP A 132 16.54 -17.36 -15.57
C ASP A 132 15.64 -16.20 -15.96
N VAL A 133 15.70 -15.13 -15.17
CA VAL A 133 14.90 -13.95 -15.44
C VAL A 133 15.73 -12.81 -16.03
N TRP A 134 17.06 -12.94 -16.07
CA TRP A 134 17.92 -11.96 -16.71
C TRP A 134 17.73 -10.57 -16.07
N SER A 135 18.14 -10.50 -14.81
CA SER A 135 17.99 -9.28 -14.03
C SER A 135 18.60 -8.08 -14.75
N LEU A 136 18.09 -6.90 -14.41
CA LEU A 136 18.39 -5.68 -15.15
C LEU A 136 19.88 -5.36 -15.11
N SER A 137 20.38 -4.81 -16.21
CA SER A 137 21.79 -4.46 -16.32
C SER A 137 22.05 -3.15 -15.59
N LYS A 138 23.26 -2.62 -15.75
CA LYS A 138 23.60 -1.35 -15.12
C LYS A 138 22.95 -0.17 -15.82
N HIS A 139 22.34 -0.39 -16.98
CA HIS A 139 21.72 0.72 -17.69
C HIS A 139 20.46 1.20 -16.97
N GLU A 140 19.54 0.29 -16.67
CA GLU A 140 18.31 0.63 -15.96
C GLU A 140 18.44 0.39 -14.45
N SER A 141 19.47 0.98 -13.86
CA SER A 141 19.76 0.80 -12.44
C SER A 141 19.51 2.11 -11.70
N SER A 142 18.95 1.99 -10.50
CA SER A 142 18.64 3.17 -9.70
C SER A 142 19.88 3.68 -8.99
N ASP A 143 20.97 3.87 -9.73
CA ASP A 143 22.19 4.43 -9.19
C ASP A 143 22.82 5.48 -10.08
N VAL A 144 22.52 5.49 -11.38
CA VAL A 144 23.03 6.47 -12.33
C VAL A 144 21.98 7.52 -12.66
N ASN A 145 20.76 7.09 -12.96
CA ASN A 145 19.71 8.03 -13.29
C ASN A 145 19.26 8.83 -12.08
N CYS A 146 19.24 8.20 -10.89
CA CYS A 146 18.81 8.90 -9.69
C CYS A 146 19.72 10.08 -9.37
N ARG A 147 21.04 9.89 -9.53
CA ARG A 147 21.96 10.98 -9.28
C ARG A 147 21.73 12.14 -10.25
N ARG A 148 21.50 11.83 -11.52
CA ARG A 148 21.24 12.88 -12.50
C ARG A 148 19.94 13.62 -12.17
N LEU A 149 18.90 12.88 -11.81
CA LEU A 149 17.63 13.52 -11.44
C LEU A 149 17.78 14.40 -10.22
N GLU A 150 18.52 13.92 -9.21
CA GLU A 150 18.74 14.73 -8.02
C GLU A 150 19.51 16.00 -8.35
N ARG A 151 20.56 15.88 -9.17
CA ARG A 151 21.32 17.07 -9.53
C ARG A 151 20.45 18.07 -10.30
N LEU A 152 19.64 17.57 -11.24
CA LEU A 152 18.78 18.45 -12.01
C LEU A 152 17.76 19.15 -11.13
N TRP A 153 17.12 18.42 -10.22
CA TRP A 153 16.13 19.03 -9.35
C TRP A 153 16.76 20.05 -8.42
N GLN A 154 17.93 19.74 -7.86
CA GLN A 154 18.60 20.69 -6.98
C GLN A 154 18.99 21.95 -7.74
N GLU A 155 19.49 21.79 -8.96
CA GLU A 155 19.85 22.97 -9.76
C GLU A 155 18.62 23.81 -10.07
N GLU A 156 17.51 23.18 -10.44
CA GLU A 156 16.29 23.92 -10.74
C GLU A 156 15.72 24.57 -9.49
N LEU A 157 15.98 24.01 -8.32
CA LEU A 157 15.53 24.63 -7.08
C LEU A 157 16.38 25.84 -6.74
N ASN A 158 17.69 25.75 -6.93
CA ASN A 158 18.59 26.80 -6.49
C ASN A 158 18.85 27.88 -7.53
N GLU A 159 18.39 27.70 -8.77
CA GLU A 159 18.65 28.72 -9.79
C GLU A 159 17.94 30.02 -9.45
N VAL A 160 16.66 29.96 -9.08
CA VAL A 160 15.90 31.12 -8.65
C VAL A 160 15.08 30.72 -7.42
N GLY A 161 14.29 31.67 -6.93
CA GLY A 161 13.43 31.44 -5.80
C GLY A 161 12.41 30.35 -6.07
N PRO A 162 12.38 29.33 -5.22
CA PRO A 162 11.45 28.19 -5.43
C PRO A 162 10.05 28.48 -4.91
N ASP A 163 9.31 29.28 -5.67
CA ASP A 163 7.91 29.55 -5.34
C ASP A 163 7.06 28.32 -5.60
N ALA A 164 6.97 27.93 -6.87
CA ALA A 164 6.31 26.68 -7.22
C ALA A 164 7.16 25.80 -8.13
N ALA A 165 7.88 26.40 -9.09
CA ALA A 165 8.78 25.71 -10.00
C ALA A 165 8.03 24.79 -10.97
N SER A 166 6.71 24.65 -10.76
CA SER A 166 5.81 23.97 -11.68
C SER A 166 6.14 22.48 -11.85
N LEU A 167 7.22 22.02 -11.20
CA LEU A 167 7.74 20.67 -11.39
C LEU A 167 7.66 20.25 -12.87
N ARG A 168 8.18 21.10 -13.75
CA ARG A 168 8.24 20.79 -15.17
C ARG A 168 9.43 19.90 -15.53
N ARG A 169 10.35 19.69 -14.60
CA ARG A 169 11.56 18.94 -14.86
C ARG A 169 11.39 17.44 -14.68
N VAL A 170 10.22 16.98 -14.21
CA VAL A 170 9.99 15.55 -14.06
C VAL A 170 9.87 14.87 -15.42
N VAL A 171 9.12 15.48 -16.34
CA VAL A 171 8.78 14.88 -17.62
C VAL A 171 9.40 15.64 -18.78
N TRP A 172 9.24 16.96 -18.80
CA TRP A 172 9.58 17.72 -20.00
C TRP A 172 11.07 17.77 -20.26
N ILE A 173 11.90 17.59 -19.24
CA ILE A 173 13.34 17.68 -19.41
C ILE A 173 14.05 16.35 -19.20
N PHE A 174 13.44 15.40 -18.49
CA PHE A 174 14.09 14.11 -18.27
C PHE A 174 13.90 13.19 -19.47
N CYS A 175 12.66 12.82 -19.77
CA CYS A 175 12.36 11.97 -20.92
C CYS A 175 11.90 12.86 -22.06
N ARG A 176 12.87 13.51 -22.69
CA ARG A 176 12.61 14.39 -23.83
C ARG A 176 13.24 13.88 -25.12
N THR A 177 14.53 13.52 -25.08
CA THR A 177 15.19 13.07 -26.30
C THR A 177 14.61 11.75 -26.78
N ARG A 178 14.07 10.95 -25.86
CA ARG A 178 13.52 9.65 -26.26
C ARG A 178 12.13 9.78 -26.87
N LEU A 179 11.50 10.94 -26.75
CA LEU A 179 10.16 11.13 -27.32
C LEU A 179 10.22 11.71 -28.72
N ILE A 180 11.29 12.41 -29.08
CA ILE A 180 11.43 12.95 -30.43
C ILE A 180 11.49 11.82 -31.45
N LEU A 181 12.20 10.73 -31.13
CA LEU A 181 12.27 9.60 -32.05
C LEU A 181 10.89 8.99 -32.26
N SER A 182 10.12 8.83 -31.19
CA SER A 182 8.77 8.29 -31.35
C SER A 182 7.90 9.22 -32.18
N ILE A 183 7.98 10.53 -31.92
CA ILE A 183 7.14 11.48 -32.64
C ILE A 183 7.56 11.62 -34.09
N VAL A 184 8.81 11.27 -34.44
CA VAL A 184 9.24 11.32 -35.83
C VAL A 184 9.01 10.00 -36.55
N CYS A 185 8.93 8.88 -35.83
CA CYS A 185 8.54 7.63 -36.47
C CYS A 185 7.04 7.49 -36.63
N LEU A 186 6.26 8.21 -35.81
CA LEU A 186 4.81 8.16 -35.98
C LEU A 186 4.40 8.71 -37.34
N MET A 187 5.04 9.81 -37.78
CA MET A 187 4.72 10.36 -39.09
C MET A 187 5.06 9.37 -40.20
N ILE A 188 6.19 8.69 -40.08
CA ILE A 188 6.60 7.72 -41.09
C ILE A 188 5.59 6.57 -41.17
N THR A 189 5.18 6.04 -40.02
CA THR A 189 4.24 4.92 -40.06
C THR A 189 2.86 5.37 -40.55
N GLN A 190 2.45 6.59 -40.20
CA GLN A 190 1.18 7.09 -40.71
C GLN A 190 1.21 7.20 -42.23
N LEU A 191 2.28 7.78 -42.79
CA LEU A 191 2.37 7.92 -44.24
C LEU A 191 2.46 6.56 -44.91
N ALA A 192 3.20 5.62 -44.32
CA ALA A 192 3.32 4.29 -44.90
C ALA A 192 1.98 3.56 -44.91
N GLY A 193 1.21 3.69 -43.83
CA GLY A 193 -0.09 3.04 -43.78
C GLY A 193 -1.14 3.74 -44.62
N PHE A 194 -0.95 5.02 -44.95
CA PHE A 194 -1.93 5.76 -45.73
C PHE A 194 -1.67 5.64 -47.23
N SER A 195 -0.49 6.09 -47.68
CA SER A 195 -0.27 6.32 -49.10
C SER A 195 -0.39 5.04 -49.92
N GLY A 196 0.17 3.94 -49.42
CA GLY A 196 0.29 2.72 -50.19
C GLY A 196 -1.05 2.11 -50.54
N PRO A 197 -1.76 1.57 -49.54
CA PRO A 197 -3.01 0.85 -49.82
C PRO A 197 -4.02 1.68 -50.59
N ALA A 198 -4.07 2.98 -50.34
CA ALA A 198 -5.05 3.83 -51.01
C ALA A 198 -4.89 3.77 -52.53
N PHE A 199 -3.65 3.88 -53.02
CA PHE A 199 -3.43 3.77 -54.46
C PHE A 199 -3.46 2.33 -54.94
N MET A 200 -3.01 1.39 -54.10
CA MET A 200 -2.94 0.00 -54.53
C MET A 200 -4.32 -0.58 -54.77
N VAL A 201 -5.30 -0.25 -53.93
CA VAL A 201 -6.64 -0.79 -54.12
C VAL A 201 -7.27 -0.21 -55.39
N LYS A 202 -7.02 1.07 -55.65
CA LYS A 202 -7.53 1.67 -56.89
C LYS A 202 -6.92 1.00 -58.12
N HIS A 203 -5.61 0.76 -58.09
CA HIS A 203 -4.96 0.10 -59.22
C HIS A 203 -5.43 -1.34 -59.39
N LEU A 204 -5.65 -2.04 -58.27
CA LEU A 204 -6.15 -3.42 -58.35
C LEU A 204 -7.56 -3.45 -58.90
N LEU A 205 -8.40 -2.50 -58.51
CA LEU A 205 -9.74 -2.42 -59.10
C LEU A 205 -9.67 -2.13 -60.59
N GLU A 206 -8.77 -1.23 -60.99
CA GLU A 206 -8.60 -0.96 -62.41
C GLU A 206 -8.14 -2.21 -63.17
N TYR A 207 -7.26 -3.00 -62.55
CA TYR A 207 -6.78 -4.22 -63.20
C TYR A 207 -7.86 -5.29 -63.26
N THR A 208 -8.68 -5.41 -62.21
CA THR A 208 -9.76 -6.38 -62.25
C THR A 208 -10.88 -5.92 -63.18
N GLN A 209 -10.91 -4.64 -63.53
CA GLN A 209 -11.83 -4.17 -64.56
C GLN A 209 -11.53 -4.84 -65.91
N ALA A 210 -10.34 -4.58 -66.45
CA ALA A 210 -9.91 -5.22 -67.71
C ALA A 210 -8.50 -5.79 -67.52
N THR A 211 -8.42 -6.99 -66.94
CA THR A 211 -7.19 -7.77 -66.98
C THR A 211 -6.72 -8.03 -68.40
N GLU A 212 -7.64 -8.02 -69.37
CA GLU A 212 -7.31 -8.36 -70.75
C GLU A 212 -6.35 -7.38 -71.40
N SER A 213 -5.94 -6.32 -70.71
CA SER A 213 -5.00 -5.36 -71.29
C SER A 213 -3.56 -5.86 -71.17
N ASN A 214 -3.10 -6.10 -69.94
CA ASN A 214 -1.73 -6.52 -69.69
C ASN A 214 -1.72 -7.62 -68.64
N LEU A 215 -0.52 -8.15 -68.38
CA LEU A 215 -0.33 -9.18 -67.37
C LEU A 215 0.82 -8.91 -66.42
N GLN A 216 1.86 -8.17 -66.84
CA GLN A 216 3.04 -7.95 -66.03
C GLN A 216 3.03 -6.60 -65.32
N TYR A 217 1.90 -5.89 -65.36
CA TYR A 217 1.80 -4.58 -64.71
C TYR A 217 1.47 -4.68 -63.24
N SER A 218 1.26 -5.89 -62.71
CA SER A 218 0.92 -6.08 -61.31
C SER A 218 2.14 -6.26 -60.42
N LEU A 219 3.29 -6.62 -60.98
CA LEU A 219 4.46 -6.92 -60.17
C LEU A 219 4.95 -5.69 -59.42
N LEU A 220 5.03 -4.55 -60.11
CA LEU A 220 5.44 -3.32 -59.44
C LEU A 220 4.46 -2.96 -58.32
N LEU A 221 3.17 -3.15 -58.57
CA LEU A 221 2.15 -2.82 -57.58
C LEU A 221 2.30 -3.68 -56.33
N VAL A 222 2.44 -4.99 -56.52
CA VAL A 222 2.54 -5.89 -55.36
C VAL A 222 3.85 -5.63 -54.62
N LEU A 223 4.93 -5.31 -55.35
CA LEU A 223 6.19 -4.99 -54.68
C LEU A 223 6.07 -3.74 -53.83
N GLY A 224 5.43 -2.69 -54.38
CA GLY A 224 5.21 -1.49 -53.59
C GLY A 224 4.34 -1.75 -52.37
N LEU A 225 3.30 -2.57 -52.55
CA LEU A 225 2.44 -2.95 -51.42
C LEU A 225 3.24 -3.64 -50.32
N LEU A 226 4.08 -4.60 -50.70
CA LEU A 226 4.90 -5.31 -49.71
C LEU A 226 5.85 -4.36 -49.00
N LEU A 227 6.50 -3.46 -49.77
CA LEU A 227 7.41 -2.51 -49.16
C LEU A 227 6.70 -1.62 -48.14
N THR A 228 5.53 -1.11 -48.51
CA THR A 228 4.79 -0.23 -47.60
C THR A 228 4.37 -0.97 -46.34
N GLU A 229 3.84 -2.19 -46.48
CA GLU A 229 3.39 -2.94 -45.31
C GLU A 229 4.54 -3.26 -44.37
N ILE A 230 5.67 -3.72 -44.92
CA ILE A 230 6.82 -4.05 -44.08
C ILE A 230 7.33 -2.81 -43.37
N VAL A 231 7.44 -1.69 -44.10
CA VAL A 231 7.92 -0.45 -43.49
C VAL A 231 7.00 -0.04 -42.34
N ARG A 232 5.68 -0.12 -42.57
CA ARG A 232 4.74 0.29 -41.53
C ARG A 232 4.90 -0.57 -40.28
N SER A 233 4.91 -1.89 -40.44
CA SER A 233 4.99 -2.76 -39.26
C SER A 233 6.29 -2.55 -38.50
N TRP A 234 7.41 -2.44 -39.23
CA TRP A 234 8.68 -2.25 -38.56
C TRP A 234 8.73 -0.92 -37.80
N SER A 235 8.23 0.15 -38.42
CA SER A 235 8.23 1.45 -37.74
C SER A 235 7.38 1.41 -36.48
N LEU A 236 6.20 0.77 -36.55
CA LEU A 236 5.35 0.68 -35.37
C LEU A 236 6.04 -0.09 -34.24
N ALA A 237 6.66 -1.23 -34.57
CA ALA A 237 7.34 -2.00 -33.54
C ALA A 237 8.48 -1.21 -32.91
N LEU A 238 9.26 -0.49 -33.74
CA LEU A 238 10.35 0.31 -33.20
C LEU A 238 9.84 1.40 -32.25
N THR A 239 8.76 2.08 -32.64
CA THR A 239 8.21 3.14 -31.78
C THR A 239 7.78 2.59 -30.43
N TRP A 240 7.04 1.48 -30.44
CA TRP A 240 6.59 0.90 -29.18
C TRP A 240 7.77 0.46 -28.33
N ALA A 241 8.79 -0.13 -28.96
CA ALA A 241 9.95 -0.58 -28.18
C ALA A 241 10.64 0.60 -27.52
N LEU A 242 10.84 1.69 -28.25
CA LEU A 242 11.51 2.84 -27.67
C LEU A 242 10.73 3.40 -26.49
N ASN A 243 9.40 3.55 -26.64
CA ASN A 243 8.63 4.13 -25.55
C ASN A 243 8.61 3.22 -24.33
N TYR A 244 8.47 1.91 -24.55
CA TYR A 244 8.47 0.97 -23.43
C TYR A 244 9.80 1.02 -22.68
N ARG A 245 10.91 1.10 -23.40
CA ARG A 245 12.21 1.16 -22.75
C ARG A 245 12.39 2.47 -21.97
N THR A 246 11.92 3.59 -22.54
CA THR A 246 12.14 4.88 -21.89
C THR A 246 11.14 5.18 -20.78
N GLY A 247 10.09 4.38 -20.63
CA GLY A 247 9.14 4.70 -19.58
C GLY A 247 9.44 4.14 -18.20
N VAL A 248 10.59 3.50 -17.99
CA VAL A 248 10.88 2.82 -16.73
C VAL A 248 11.79 3.64 -15.83
N ARG A 249 12.81 4.28 -16.42
CA ARG A 249 13.83 4.95 -15.62
C ARG A 249 13.25 6.09 -14.78
N LEU A 250 12.25 6.79 -15.32
CA LEU A 250 11.66 7.91 -14.59
C LEU A 250 11.04 7.44 -13.28
N ARG A 251 10.21 6.39 -13.34
CA ARG A 251 9.62 5.83 -12.12
C ARG A 251 10.70 5.27 -11.20
N GLY A 252 11.68 4.58 -11.78
CA GLY A 252 12.74 3.99 -10.97
C GLY A 252 13.49 5.03 -10.15
N ALA A 253 13.71 6.20 -10.73
CA ALA A 253 14.40 7.26 -9.99
C ALA A 253 13.47 7.98 -9.02
N ILE A 254 12.22 8.23 -9.41
CA ILE A 254 11.34 9.02 -8.57
C ILE A 254 10.99 8.28 -7.28
N LEU A 255 10.85 6.95 -7.33
CA LEU A 255 10.52 6.22 -6.11
C LEU A 255 11.64 6.35 -5.07
N THR A 256 12.89 6.18 -5.50
CA THR A 256 13.99 6.28 -4.56
C THR A 256 14.20 7.71 -4.09
N MET A 257 13.92 8.70 -4.94
CA MET A 257 13.97 10.08 -4.47
C MET A 257 12.96 10.32 -3.36
N ALA A 258 11.73 9.83 -3.55
CA ALA A 258 10.71 10.01 -2.53
C ALA A 258 11.10 9.34 -1.22
N PHE A 259 11.61 8.10 -1.29
CA PHE A 259 12.01 7.45 -0.04
C PHE A 259 13.17 8.17 0.63
N LYS A 260 14.15 8.62 -0.15
CA LYS A 260 15.27 9.36 0.44
C LYS A 260 14.79 10.62 1.15
N LYS A 261 13.77 11.28 0.59
CA LYS A 261 13.19 12.43 1.30
C LYS A 261 12.44 12.00 2.55
N ILE A 262 11.78 10.84 2.52
CA ILE A 262 10.99 10.42 3.68
C ILE A 262 11.88 10.24 4.91
N LEU A 263 13.07 9.69 4.72
CA LEU A 263 13.97 9.41 5.83
C LEU A 263 14.62 10.70 6.34
N LYS A 264 13.87 11.49 7.08
CA LYS A 264 14.41 12.72 7.66
C LYS A 264 13.66 13.01 8.94
N LEU A 265 14.29 13.84 9.78
CA LEU A 265 13.75 14.14 11.11
C LEU A 265 12.46 14.94 10.98
N LYS A 266 11.34 14.30 11.29
CA LYS A 266 10.04 14.95 11.33
C LYS A 266 9.57 14.98 12.78
N ASN A 267 9.25 16.17 13.27
CA ASN A 267 8.83 16.31 14.66
C ASN A 267 7.56 15.49 14.93
N ILE A 268 6.60 15.55 14.02
CA ILE A 268 5.42 14.71 14.06
C ILE A 268 5.09 14.33 12.63
N LYS A 269 4.32 13.25 12.48
CA LYS A 269 3.91 12.81 11.16
C LYS A 269 3.07 13.89 10.49
N GLU A 270 1.87 14.15 11.03
CA GLU A 270 0.92 15.12 10.50
C GLU A 270 0.59 14.87 9.02
N LYS A 271 0.86 13.67 8.51
CA LYS A 271 0.69 13.40 7.09
C LYS A 271 -0.25 12.23 6.81
N SER A 272 -0.98 11.74 7.82
CA SER A 272 -1.92 10.64 7.63
C SER A 272 -1.19 9.41 7.08
N LEU A 273 -0.34 8.84 7.94
CA LEU A 273 0.69 7.87 7.57
C LEU A 273 0.24 6.92 6.46
N GLY A 274 -1.02 6.50 6.50
CA GLY A 274 -1.54 5.67 5.42
C GLY A 274 -1.36 6.29 4.06
N GLU A 275 -1.35 7.63 3.99
CA GLU A 275 -1.10 8.30 2.72
C GLU A 275 0.28 7.98 2.16
N LEU A 276 1.30 7.99 3.02
CA LEU A 276 2.67 7.83 2.55
C LEU A 276 2.84 6.52 1.78
N ILE A 277 2.34 5.42 2.34
CA ILE A 277 2.37 4.13 1.64
C ILE A 277 1.64 4.25 0.31
N ASN A 278 0.45 4.86 0.33
CA ASN A 278 -0.30 5.06 -0.91
C ASN A 278 0.49 5.90 -1.91
N ILE A 279 1.33 6.80 -1.43
CA ILE A 279 2.15 7.59 -2.36
C ILE A 279 3.20 6.71 -3.03
N CYS A 280 3.76 5.74 -2.29
CA CYS A 280 4.85 4.94 -2.86
C CYS A 280 4.34 4.00 -3.93
N SER A 281 3.18 3.38 -3.72
CA SER A 281 2.69 2.40 -4.69
C SER A 281 1.94 3.06 -5.85
N ASN A 282 0.82 3.70 -5.55
CA ASN A 282 -0.08 4.16 -6.60
C ASN A 282 0.60 5.16 -7.53
N ASP A 283 1.20 6.20 -6.96
CA ASP A 283 1.85 7.21 -7.79
C ASP A 283 3.05 6.64 -8.53
N GLY A 284 3.53 5.46 -8.14
CA GLY A 284 4.54 4.78 -8.94
C GLY A 284 4.00 4.34 -10.28
N GLN A 285 2.77 3.80 -10.29
CA GLN A 285 2.19 3.35 -11.55
C GLN A 285 1.81 4.52 -12.44
N ARG A 286 1.26 5.59 -11.86
CA ARG A 286 0.76 6.71 -12.65
C ARG A 286 1.86 7.38 -13.44
N MET A 287 3.06 7.48 -12.87
CA MET A 287 4.19 8.06 -13.58
C MET A 287 4.72 7.18 -14.69
N PHE A 288 4.27 5.93 -14.78
CA PHE A 288 4.71 5.02 -15.83
C PHE A 288 3.81 5.11 -17.06
N GLU A 289 2.50 4.94 -16.87
CA GLU A 289 1.58 4.96 -18.00
C GLU A 289 1.66 6.27 -18.77
N ALA A 290 1.75 7.39 -18.04
CA ALA A 290 1.80 8.68 -18.70
C ALA A 290 3.02 8.83 -19.60
N ALA A 291 4.04 7.99 -19.41
CA ALA A 291 5.23 8.02 -20.25
C ALA A 291 5.20 7.00 -21.36
N ALA A 292 4.29 6.04 -21.31
CA ALA A 292 4.22 4.98 -22.33
C ALA A 292 2.98 5.05 -23.21
N VAL A 293 1.94 5.77 -22.80
CA VAL A 293 0.73 5.93 -23.59
C VAL A 293 0.57 7.36 -24.07
N GLY A 294 0.92 8.33 -23.22
CA GLY A 294 0.77 9.72 -23.58
C GLY A 294 1.78 10.19 -24.61
N SER A 295 1.83 9.48 -25.73
CA SER A 295 2.69 9.88 -26.84
C SER A 295 2.02 9.72 -28.20
N LEU A 296 0.78 9.26 -28.26
CA LEU A 296 0.05 9.13 -29.52
C LEU A 296 -0.93 10.27 -29.75
N LEU A 297 -0.99 11.22 -28.82
CA LEU A 297 -1.87 12.37 -29.01
C LEU A 297 -1.42 13.23 -30.19
N ALA A 298 -0.12 13.27 -30.47
CA ALA A 298 0.39 14.06 -31.58
C ALA A 298 0.04 13.48 -32.95
N GLY A 299 -0.53 12.28 -32.99
CA GLY A 299 -0.91 11.67 -34.24
C GLY A 299 -2.23 12.10 -34.83
N GLY A 300 -2.92 13.05 -34.20
CA GLY A 300 -4.18 13.53 -34.69
C GLY A 300 -4.06 14.50 -35.85
N PRO A 301 -3.44 15.66 -35.59
CA PRO A 301 -3.33 16.68 -36.67
C PRO A 301 -2.57 16.21 -37.89
N VAL A 302 -1.53 15.37 -37.71
CA VAL A 302 -0.69 14.99 -38.83
C VAL A 302 -1.49 14.21 -39.87
N VAL A 303 -2.57 13.54 -39.46
CA VAL A 303 -3.44 12.87 -40.40
C VAL A 303 -4.65 13.71 -40.77
N ALA A 304 -5.09 14.61 -39.89
CA ALA A 304 -6.21 15.49 -40.23
C ALA A 304 -5.86 16.41 -41.38
N ILE A 305 -4.66 17.00 -41.36
CA ILE A 305 -4.26 17.88 -42.44
C ILE A 305 -4.11 17.10 -43.75
N LEU A 306 -3.59 15.87 -43.66
CA LEU A 306 -3.48 15.03 -44.86
C LEU A 306 -4.85 14.72 -45.45
N GLY A 307 -5.81 14.36 -44.60
CA GLY A 307 -7.15 14.11 -45.09
C GLY A 307 -7.77 15.35 -45.71
N MET A 308 -7.56 16.51 -45.09
CA MET A 308 -8.11 17.75 -45.62
C MET A 308 -7.52 18.08 -46.98
N ILE A 309 -6.20 17.94 -47.14
CA ILE A 309 -5.58 18.26 -48.41
C ILE A 309 -5.99 17.25 -49.49
N TYR A 310 -6.14 15.97 -49.11
CA TYR A 310 -6.62 14.99 -50.06
C TYR A 310 -8.03 15.33 -50.52
N ASN A 311 -8.90 15.73 -49.59
CA ASN A 311 -10.27 16.08 -49.95
C ASN A 311 -10.31 17.32 -50.83
N VAL A 312 -9.45 18.30 -50.55
CA VAL A 312 -9.43 19.50 -51.38
C VAL A 312 -8.79 19.25 -52.73
N ILE A 313 -7.97 18.20 -52.85
CA ILE A 313 -7.38 17.86 -54.14
C ILE A 313 -8.29 16.95 -54.96
N ILE A 314 -9.22 16.24 -54.34
CA ILE A 314 -10.22 15.51 -55.10
C ILE A 314 -11.45 16.36 -55.41
N LEU A 315 -11.82 17.26 -54.51
CA LEU A 315 -12.99 18.10 -54.69
C LEU A 315 -12.62 19.54 -54.39
N GLY A 316 -13.20 20.47 -55.15
CA GLY A 316 -12.84 21.87 -55.08
C GLY A 316 -13.29 22.58 -53.81
N PRO A 317 -14.60 22.77 -53.66
CA PRO A 317 -15.11 23.60 -52.56
C PRO A 317 -15.35 22.86 -51.25
N THR A 318 -14.84 21.64 -51.09
CA THR A 318 -15.03 20.89 -49.85
C THR A 318 -13.87 21.07 -48.88
N GLY A 319 -12.93 21.96 -49.18
CA GLY A 319 -11.80 22.22 -48.32
C GLY A 319 -12.05 23.15 -47.17
N PHE A 320 -13.29 23.63 -47.00
CA PHE A 320 -13.65 24.55 -45.94
C PHE A 320 -14.43 23.90 -44.81
N LEU A 321 -15.27 22.92 -45.11
CA LEU A 321 -16.12 22.32 -44.08
C LEU A 321 -15.32 21.49 -43.09
N GLY A 322 -14.29 20.77 -43.57
CA GLY A 322 -13.51 19.93 -42.67
C GLY A 322 -12.81 20.73 -41.59
N SER A 323 -12.21 21.86 -41.96
CA SER A 323 -11.55 22.71 -40.97
C SER A 323 -12.57 23.27 -39.97
N ALA A 324 -13.75 23.66 -40.46
CA ALA A 324 -14.77 24.20 -39.57
C ALA A 324 -15.24 23.17 -38.56
N VAL A 325 -15.45 21.92 -39.01
CA VAL A 325 -15.91 20.89 -38.08
C VAL A 325 -14.79 20.36 -37.21
N PHE A 326 -13.53 20.57 -37.59
CA PHE A 326 -12.43 20.17 -36.72
C PHE A 326 -12.13 21.22 -35.66
N ILE A 327 -12.36 22.50 -35.96
CA ILE A 327 -12.13 23.55 -34.98
C ILE A 327 -13.06 23.37 -33.78
N LEU A 328 -14.33 23.03 -34.03
CA LEU A 328 -15.27 22.81 -32.95
C LEU A 328 -14.90 21.62 -32.08
N PHE A 329 -14.17 20.66 -32.65
CA PHE A 329 -13.77 19.47 -31.91
C PHE A 329 -12.65 19.74 -30.92
N TYR A 330 -11.88 20.81 -31.11
CA TYR A 330 -10.71 21.06 -30.27
C TYR A 330 -11.03 21.29 -28.80
N PRO A 331 -11.93 22.21 -28.41
CA PRO A 331 -12.06 22.51 -26.98
C PRO A 331 -12.74 21.43 -26.17
N ALA A 332 -13.37 20.45 -26.80
CA ALA A 332 -14.01 19.38 -26.05
C ALA A 332 -12.99 18.60 -25.23
N MET A 333 -11.80 18.35 -25.79
CA MET A 333 -10.78 17.60 -25.07
C MET A 333 -10.29 18.36 -23.84
N MET A 334 -10.02 19.65 -23.98
CA MET A 334 -9.58 20.42 -22.82
C MET A 334 -10.68 20.53 -21.78
N PHE A 335 -11.94 20.67 -22.20
CA PHE A 335 -13.03 20.67 -21.23
C PHE A 335 -13.10 19.34 -20.49
N ALA A 336 -12.92 18.23 -21.20
CA ALA A 336 -12.92 16.92 -20.56
C ALA A 336 -11.79 16.81 -19.54
N SER A 337 -10.60 17.28 -19.90
CA SER A 337 -9.48 17.23 -18.97
C SER A 337 -9.75 18.08 -17.73
N ARG A 338 -10.29 19.29 -17.93
CA ARG A 338 -10.58 20.17 -16.81
C ARG A 338 -11.63 19.55 -15.89
N LEU A 339 -12.61 18.85 -16.46
CA LEU A 339 -13.66 18.26 -15.64
C LEU A 339 -13.15 17.02 -14.90
N THR A 340 -12.24 16.26 -15.50
CA THR A 340 -11.77 15.04 -14.85
C THR A 340 -10.68 15.30 -13.82
N ALA A 341 -9.95 16.41 -13.92
CA ALA A 341 -8.90 16.69 -12.93
C ALA A 341 -9.49 16.87 -11.54
N TYR A 342 -10.56 17.65 -11.42
CA TYR A 342 -11.18 17.89 -10.13
C TYR A 342 -11.74 16.60 -9.55
N PHE A 343 -12.37 15.77 -10.39
CA PHE A 343 -12.91 14.51 -9.91
C PHE A 343 -11.80 13.59 -9.40
N ARG A 344 -10.68 13.52 -10.12
CA ARG A 344 -9.56 12.72 -9.63
C ARG A 344 -9.02 13.25 -8.32
N ARG A 345 -8.90 14.57 -8.19
CA ARG A 345 -8.37 15.14 -6.96
C ARG A 345 -9.27 14.82 -5.78
N LYS A 346 -10.58 14.98 -5.95
CA LYS A 346 -11.51 14.66 -4.87
C LYS A 346 -11.49 13.18 -4.54
N CYS A 347 -11.39 12.32 -5.55
CA CYS A 347 -11.36 10.87 -5.30
C CYS A 347 -10.12 10.48 -4.51
N VAL A 348 -8.95 11.02 -4.87
CA VAL A 348 -7.74 10.66 -4.15
C VAL A 348 -7.76 11.24 -2.74
N ALA A 349 -8.33 12.44 -2.56
CA ALA A 349 -8.46 12.98 -1.21
C ALA A 349 -9.36 12.10 -0.35
N ALA A 350 -10.46 11.62 -0.92
CA ALA A 350 -11.37 10.77 -0.16
C ALA A 350 -10.73 9.43 0.18
N THR A 351 -9.96 8.85 -0.75
CA THR A 351 -9.31 7.58 -0.49
C THR A 351 -8.03 7.71 0.32
N ASP A 352 -7.58 8.94 0.58
CA ASP A 352 -6.39 9.12 1.42
C ASP A 352 -6.63 8.62 2.84
N GLU A 353 -7.78 8.94 3.42
CA GLU A 353 -8.03 8.65 4.83
C GLU A 353 -8.32 7.18 5.08
N ARG A 354 -9.00 6.51 4.13
CA ARG A 354 -9.44 5.15 4.39
C ARG A 354 -8.28 4.20 4.65
N VAL A 355 -7.18 4.36 3.91
CA VAL A 355 -6.05 3.46 4.11
C VAL A 355 -5.31 3.78 5.41
N GLN A 356 -5.50 4.97 5.98
CA GLN A 356 -4.86 5.28 7.25
C GLN A 356 -5.51 4.51 8.39
N LYS A 357 -6.84 4.51 8.45
CA LYS A 357 -7.55 3.73 9.45
C LYS A 357 -7.34 2.24 9.26
N MET A 358 -6.91 1.82 8.08
CA MET A 358 -6.64 0.41 7.84
C MET A 358 -5.40 -0.04 8.60
N ASN A 359 -4.45 0.88 8.82
CA ASN A 359 -3.23 0.52 9.53
C ASN A 359 -3.44 0.43 11.04
N GLU A 360 -4.43 1.15 11.57
CA GLU A 360 -4.62 1.22 13.01
C GLU A 360 -5.00 -0.14 13.60
N VAL A 361 -5.88 -0.87 12.92
CA VAL A 361 -6.27 -2.18 13.44
C VAL A 361 -5.14 -3.19 13.30
N LEU A 362 -4.30 -3.04 12.27
CA LEU A 362 -3.25 -4.02 12.03
C LEU A 362 -2.25 -4.08 13.18
N THR A 363 -1.85 -2.93 13.70
CA THR A 363 -0.84 -2.86 14.75
C THR A 363 -1.44 -2.72 16.15
N TYR A 364 -2.75 -2.91 16.30
CA TYR A 364 -3.37 -2.84 17.62
C TYR A 364 -4.42 -3.93 17.81
N ILE A 365 -4.32 -5.02 17.04
CA ILE A 365 -5.37 -6.03 17.07
C ILE A 365 -5.44 -6.69 18.44
N LYS A 366 -4.29 -6.84 19.10
CA LYS A 366 -4.29 -7.38 20.46
C LYS A 366 -5.04 -6.50 21.43
N PHE A 367 -5.16 -5.21 21.12
CA PHE A 367 -5.82 -4.29 22.04
C PHE A 367 -7.34 -4.33 21.88
N ILE A 368 -7.84 -4.08 20.67
CA ILE A 368 -9.28 -4.16 20.41
C ILE A 368 -9.56 -5.60 19.98
N LYS A 369 -9.61 -6.48 20.96
CA LYS A 369 -10.10 -7.84 20.79
C LYS A 369 -10.86 -8.32 22.02
N MET A 370 -11.04 -7.47 23.01
CA MET A 370 -11.67 -7.80 24.28
C MET A 370 -12.89 -6.96 24.58
N TYR A 371 -12.99 -5.77 24.01
CA TYR A 371 -14.09 -4.86 24.25
C TYR A 371 -15.08 -4.81 23.10
N ALA A 372 -14.90 -5.69 22.11
CA ALA A 372 -15.82 -5.80 20.97
C ALA A 372 -16.01 -4.45 20.27
N TRP A 373 -14.89 -3.77 20.06
CA TRP A 373 -14.88 -2.52 19.31
C TRP A 373 -14.80 -2.76 17.80
N VAL A 374 -15.14 -3.96 17.35
CA VAL A 374 -15.05 -4.30 15.93
C VAL A 374 -16.32 -3.83 15.23
N LYS A 375 -17.20 -3.15 15.96
CA LYS A 375 -18.48 -2.76 15.39
C LYS A 375 -18.47 -1.32 14.88
N ALA A 376 -17.90 -0.39 15.64
CA ALA A 376 -17.88 1.00 15.21
C ALA A 376 -16.96 1.19 14.00
N PHE A 377 -15.79 0.57 14.03
CA PHE A 377 -14.84 0.76 12.93
C PHE A 377 -15.38 0.20 11.63
N SER A 378 -16.10 -0.92 11.69
CA SER A 378 -16.70 -1.48 10.49
C SER A 378 -17.69 -0.50 9.86
N GLN A 379 -18.53 0.11 10.69
CA GLN A 379 -19.49 1.09 10.18
C GLN A 379 -18.77 2.31 9.59
N SER A 380 -17.74 2.81 10.27
CA SER A 380 -17.03 3.98 9.77
C SER A 380 -16.38 3.69 8.42
N VAL A 381 -15.70 2.55 8.31
CA VAL A 381 -15.04 2.23 7.05
C VAL A 381 -16.06 1.93 5.96
N GLN A 382 -17.22 1.37 6.30
CA GLN A 382 -18.24 1.16 5.29
C GLN A 382 -18.78 2.48 4.78
N LYS A 383 -18.96 3.45 5.67
CA LYS A 383 -19.42 4.77 5.23
C LYS A 383 -18.40 5.44 4.31
N ILE A 384 -17.12 5.39 4.68
CA ILE A 384 -16.11 6.02 3.83
C ILE A 384 -15.98 5.27 2.50
N ARG A 385 -16.12 3.94 2.52
CA ARG A 385 -16.06 3.17 1.28
C ARG A 385 -17.23 3.51 0.37
N GLU A 386 -18.43 3.66 0.93
CA GLU A 386 -19.58 4.05 0.13
C GLU A 386 -19.37 5.42 -0.49
N GLU A 387 -18.84 6.37 0.28
CA GLU A 387 -18.57 7.69 -0.29
C GLU A 387 -17.56 7.61 -1.43
N GLU A 388 -16.50 6.84 -1.24
CA GLU A 388 -15.49 6.70 -2.29
C GLU A 388 -16.07 6.05 -3.54
N ARG A 389 -16.90 5.01 -3.36
CA ARG A 389 -17.50 4.35 -4.52
C ARG A 389 -18.43 5.28 -5.27
N ARG A 390 -19.20 6.09 -4.55
CA ARG A 390 -20.11 7.03 -5.21
C ARG A 390 -19.34 8.07 -6.02
N ILE A 391 -18.28 8.64 -5.44
CA ILE A 391 -17.55 9.66 -6.19
C ILE A 391 -16.81 9.01 -7.36
N LEU A 392 -16.34 7.77 -7.20
CA LEU A 392 -15.68 7.08 -8.29
C LEU A 392 -16.64 6.81 -9.44
N GLU A 393 -17.87 6.40 -9.12
CA GLU A 393 -18.88 6.22 -10.15
C GLU A 393 -19.18 7.52 -10.88
N LYS A 394 -19.34 8.62 -10.12
CA LYS A 394 -19.61 9.90 -10.75
C LYS A 394 -18.45 10.31 -11.67
N ALA A 395 -17.22 10.01 -11.27
CA ALA A 395 -16.07 10.30 -12.13
C ALA A 395 -16.06 9.42 -13.37
N GLY A 396 -16.41 8.14 -13.22
CA GLY A 396 -16.32 7.22 -14.33
C GLY A 396 -17.46 7.30 -15.34
N TYR A 397 -18.60 7.88 -14.94
CA TYR A 397 -19.71 7.98 -15.88
C TYR A 397 -19.36 8.86 -17.07
N PHE A 398 -18.66 9.96 -16.82
CA PHE A 398 -18.25 10.86 -17.90
C PHE A 398 -17.23 10.19 -18.82
N GLN A 399 -16.40 9.29 -18.28
CA GLN A 399 -15.39 8.64 -19.09
C GLN A 399 -16.01 7.71 -20.11
N SER A 400 -17.00 6.91 -19.69
CA SER A 400 -17.63 5.96 -20.61
C SER A 400 -18.31 6.64 -21.80
N ILE A 401 -18.65 7.93 -21.67
CA ILE A 401 -19.16 8.70 -22.80
C ILE A 401 -18.06 9.14 -23.75
N THR A 402 -16.80 9.00 -23.36
CA THR A 402 -15.68 9.39 -24.20
C THR A 402 -14.71 8.23 -24.38
N VAL A 403 -15.25 7.06 -24.71
CA VAL A 403 -14.42 5.93 -25.11
C VAL A 403 -14.67 5.73 -26.59
N GLY A 404 -15.05 6.82 -27.27
CA GLY A 404 -15.39 6.73 -28.68
C GLY A 404 -16.89 6.75 -28.91
N VAL A 405 -17.61 7.63 -28.19
CA VAL A 405 -19.03 7.75 -28.43
C VAL A 405 -19.29 8.28 -29.83
N ALA A 406 -18.42 9.15 -30.33
CA ALA A 406 -18.64 9.76 -31.63
C ALA A 406 -17.33 10.08 -32.33
N PRO A 407 -16.53 9.08 -32.74
CA PRO A 407 -15.49 9.34 -33.73
C PRO A 407 -16.03 9.43 -35.14
N ILE A 408 -17.35 9.37 -35.32
CA ILE A 408 -17.93 9.35 -36.65
C ILE A 408 -18.31 10.76 -37.05
N VAL A 409 -17.82 11.74 -36.30
CA VAL A 409 -18.08 13.13 -36.68
C VAL A 409 -17.55 13.40 -38.08
N VAL A 410 -16.37 12.87 -38.38
CA VAL A 410 -15.76 13.09 -39.70
C VAL A 410 -16.61 12.48 -40.80
N VAL A 411 -17.06 11.23 -40.61
CA VAL A 411 -17.84 10.58 -41.65
C VAL A 411 -19.22 11.24 -41.79
N ILE A 412 -19.79 11.69 -40.67
CA ILE A 412 -21.07 12.39 -40.74
C ILE A 412 -20.92 13.69 -41.52
N ALA A 413 -19.85 14.44 -41.24
CA ALA A 413 -19.61 15.68 -41.97
C ALA A 413 -19.38 15.43 -43.45
N SER A 414 -18.62 14.39 -43.79
CA SER A 414 -18.36 14.07 -45.18
C SER A 414 -19.64 13.66 -45.90
N VAL A 415 -20.48 12.86 -45.24
CA VAL A 415 -21.75 12.44 -45.85
C VAL A 415 -22.66 13.65 -46.06
N VAL A 416 -22.70 14.56 -45.07
CA VAL A 416 -23.51 15.77 -45.21
C VAL A 416 -23.02 16.61 -46.38
N THR A 417 -21.70 16.77 -46.51
CA THR A 417 -21.15 17.52 -47.63
C THR A 417 -21.49 16.87 -48.96
N PHE A 418 -21.39 15.53 -49.03
CA PHE A 418 -21.73 14.83 -50.26
C PHE A 418 -23.19 15.01 -50.63
N SER A 419 -24.08 14.91 -49.65
CA SER A 419 -25.51 14.99 -49.94
C SER A 419 -25.94 16.42 -50.29
N VAL A 420 -25.40 17.41 -49.58
CA VAL A 420 -25.83 18.79 -49.80
C VAL A 420 -25.38 19.28 -51.17
N HIS A 421 -24.12 19.04 -51.53
CA HIS A 421 -23.58 19.51 -52.79
C HIS A 421 -24.05 18.67 -53.99
N MET A 422 -24.77 17.59 -53.75
CA MET A 422 -25.18 16.67 -54.81
C MET A 422 -25.99 17.36 -55.88
N THR A 423 -25.42 17.54 -57.08
CA THR A 423 -26.20 17.95 -58.24
C THR A 423 -26.63 16.76 -59.08
N LEU A 424 -27.10 15.71 -58.41
CA LEU A 424 -27.80 14.56 -58.98
C LEU A 424 -26.92 13.66 -59.85
N GLY A 425 -25.76 14.15 -60.29
CA GLY A 425 -24.76 13.28 -60.87
C GLY A 425 -23.35 13.50 -60.37
N PHE A 426 -23.06 14.76 -60.01
CA PHE A 426 -21.76 15.25 -59.57
C PHE A 426 -20.70 15.19 -60.67
N ASP A 427 -21.05 14.57 -61.80
CA ASP A 427 -20.19 14.47 -62.97
C ASP A 427 -18.80 13.91 -62.66
N LEU A 428 -18.63 13.33 -61.47
CA LEU A 428 -17.31 12.85 -61.06
C LEU A 428 -17.31 11.48 -60.39
N THR A 429 -18.41 11.05 -59.78
CA THR A 429 -18.43 9.82 -58.97
C THR A 429 -18.90 8.66 -59.84
N ALA A 430 -17.96 7.88 -60.36
CA ALA A 430 -18.29 6.72 -61.16
C ALA A 430 -17.61 5.45 -60.69
N ALA A 431 -16.38 5.53 -60.23
CA ALA A 431 -15.62 4.33 -59.88
C ALA A 431 -15.04 4.37 -58.48
N GLN A 432 -14.61 5.54 -58.00
CA GLN A 432 -13.95 5.68 -56.70
C GLN A 432 -14.92 6.16 -55.62
N ALA A 433 -16.18 5.73 -55.70
CA ALA A 433 -17.16 6.15 -54.70
C ALA A 433 -16.85 5.57 -53.33
N PHE A 434 -16.72 4.24 -53.26
CA PHE A 434 -16.53 3.57 -51.97
C PHE A 434 -15.08 3.58 -51.51
N THR A 435 -14.13 3.86 -52.40
CA THR A 435 -12.72 3.88 -51.99
C THR A 435 -12.46 5.01 -50.99
N VAL A 436 -12.93 6.21 -51.30
CA VAL A 436 -12.71 7.36 -50.42
C VAL A 436 -13.47 7.18 -49.11
N VAL A 437 -14.67 6.61 -49.16
CA VAL A 437 -15.43 6.37 -47.94
C VAL A 437 -14.71 5.36 -47.05
N THR A 438 -14.19 4.29 -47.66
CA THR A 438 -13.45 3.30 -46.89
C THR A 438 -12.17 3.89 -46.29
N VAL A 439 -11.47 4.73 -47.05
CA VAL A 439 -10.26 5.36 -46.54
C VAL A 439 -10.58 6.26 -45.36
N PHE A 440 -11.64 7.07 -45.49
CA PHE A 440 -12.03 7.95 -44.39
C PHE A 440 -12.49 7.15 -43.17
N ASN A 441 -13.14 6.01 -43.39
CA ASN A 441 -13.49 5.13 -42.28
C ASN A 441 -12.25 4.58 -41.60
N SER A 442 -11.21 4.26 -42.39
CA SER A 442 -9.95 3.78 -41.85
C SER A 442 -9.21 4.86 -41.07
N MET A 443 -9.57 6.13 -41.26
CA MET A 443 -8.90 7.21 -40.53
C MET A 443 -9.14 7.12 -39.03
N THR A 444 -10.30 6.62 -38.61
CA THR A 444 -10.66 6.58 -37.21
C THR A 444 -9.74 5.68 -36.38
N PHE A 445 -9.05 4.74 -37.02
CA PHE A 445 -8.17 3.84 -36.28
C PHE A 445 -7.07 4.61 -35.57
N ALA A 446 -6.49 5.62 -36.23
CA ALA A 446 -5.39 6.37 -35.64
C ALA A 446 -5.85 7.28 -34.52
N LEU A 447 -7.00 7.93 -34.69
CA LEU A 447 -7.47 8.92 -33.72
C LEU A 447 -8.41 8.32 -32.68
N LYS A 448 -8.61 7.00 -32.68
CA LYS A 448 -9.41 6.36 -31.64
C LYS A 448 -8.70 6.30 -30.30
N VAL A 449 -7.42 6.68 -30.22
CA VAL A 449 -6.64 6.53 -29.00
C VAL A 449 -6.46 7.85 -28.26
N THR A 450 -7.01 8.94 -28.77
CA THR A 450 -6.83 10.25 -28.13
C THR A 450 -7.38 10.31 -26.70
N PRO A 451 -8.60 9.84 -26.41
CA PRO A 451 -9.11 9.99 -25.02
C PRO A 451 -8.23 9.35 -23.97
N PHE A 452 -7.64 8.19 -24.27
CA PHE A 452 -6.74 7.57 -23.30
C PHE A 452 -5.56 8.47 -22.99
N SER A 453 -4.96 9.05 -24.03
CA SER A 453 -3.83 9.95 -23.82
C SER A 453 -4.24 11.15 -22.98
N VAL A 454 -5.40 11.74 -23.26
CA VAL A 454 -5.79 12.94 -22.55
C VAL A 454 -6.11 12.62 -21.09
N LYS A 455 -6.73 11.47 -20.83
CA LYS A 455 -7.01 11.07 -19.46
C LYS A 455 -5.72 10.83 -18.68
N SER A 456 -4.77 10.13 -19.29
CA SER A 456 -3.52 9.86 -18.60
C SER A 456 -2.77 11.14 -18.30
N LEU A 457 -2.74 12.08 -19.25
CA LEU A 457 -2.07 13.35 -18.99
C LEU A 457 -2.74 14.12 -17.85
N SER A 458 -4.08 14.16 -17.85
CA SER A 458 -4.78 14.88 -16.79
C SER A 458 -4.50 14.28 -15.42
N GLU A 459 -4.47 12.96 -15.33
CA GLU A 459 -4.15 12.33 -14.04
C GLU A 459 -2.71 12.59 -13.62
N ALA A 460 -1.77 12.53 -14.57
CA ALA A 460 -0.38 12.79 -14.24
C ALA A 460 -0.18 14.20 -13.74
N SER A 461 -1.01 15.15 -14.18
CA SER A 461 -0.89 16.51 -13.65
C SER A 461 -1.11 16.56 -12.15
N VAL A 462 -2.19 15.95 -11.66
CA VAL A 462 -2.44 15.96 -10.23
C VAL A 462 -1.41 15.12 -9.48
N ALA A 463 -0.89 14.06 -10.12
CA ALA A 463 0.18 13.30 -9.48
C ALA A 463 1.43 14.17 -9.28
N VAL A 464 1.78 14.96 -10.29
CA VAL A 464 2.92 15.86 -10.17
C VAL A 464 2.67 16.89 -9.08
N ASP A 465 1.45 17.41 -9.00
CA ASP A 465 1.13 18.38 -7.95
C ASP A 465 1.30 17.76 -6.56
N ARG A 466 0.84 16.51 -6.39
CA ARG A 466 1.01 15.83 -5.11
C ARG A 466 2.48 15.66 -4.76
N PHE A 467 3.29 15.17 -5.70
CA PHE A 467 4.71 14.96 -5.39
C PHE A 467 5.39 16.28 -5.07
N LYS A 468 5.01 17.36 -5.76
CA LYS A 468 5.52 18.67 -5.42
C LYS A 468 5.13 19.04 -3.99
N SER A 469 3.91 18.69 -3.59
CA SER A 469 3.46 19.02 -2.24
C SER A 469 4.27 18.27 -1.19
N LEU A 470 4.73 17.05 -1.50
CA LEU A 470 5.54 16.31 -0.53
C LEU A 470 6.84 17.02 -0.20
N PHE A 471 7.49 17.59 -1.22
CA PHE A 471 8.72 18.33 -0.98
C PHE A 471 8.37 19.71 -0.43
N LEU A 472 9.37 20.60 -0.39
CA LEU A 472 9.20 21.97 0.11
C LEU A 472 8.71 21.98 1.55
N MET A 473 9.32 21.14 2.38
CA MET A 473 9.03 21.11 3.81
C MET A 473 10.33 21.28 4.58
N GLU A 474 10.21 21.34 5.91
CA GLU A 474 11.30 21.73 6.79
C GLU A 474 12.22 20.54 7.08
N GLU A 475 13.51 20.73 6.84
CA GLU A 475 14.52 19.73 7.13
C GLU A 475 15.19 20.02 8.47
N VAL A 476 14.40 19.96 9.54
CA VAL A 476 14.90 20.32 10.86
C VAL A 476 15.63 19.12 11.48
N HIS A 477 16.95 19.13 11.37
CA HIS A 477 17.78 18.09 11.98
C HIS A 477 19.21 18.60 12.04
N MET A 478 19.83 18.47 13.22
CA MET A 478 21.23 18.82 13.43
C MET A 478 21.52 20.24 12.95
N ILE A 479 20.66 21.18 13.33
CA ILE A 479 20.93 22.61 13.14
C ILE A 479 20.78 23.30 14.49
N LYS A 480 21.84 23.96 14.94
CA LYS A 480 21.77 24.72 16.19
C LYS A 480 22.36 26.10 16.02
N ASN A 481 23.46 26.18 15.25
CA ASN A 481 24.15 27.44 14.97
C ASN A 481 24.54 28.15 16.27
N LYS A 482 25.10 27.39 17.20
CA LYS A 482 25.54 27.96 18.47
C LYS A 482 26.91 27.40 18.85
N PRO A 483 27.70 28.18 19.59
CA PRO A 483 29.06 27.73 19.94
C PRO A 483 29.04 26.65 21.02
N ALA A 484 30.18 25.97 21.13
CA ALA A 484 30.39 24.92 22.11
C ALA A 484 31.60 25.25 22.97
N SER A 485 31.85 24.40 23.97
CA SER A 485 32.96 24.58 24.89
C SER A 485 33.69 23.26 25.09
N PRO A 486 34.97 23.30 25.43
CA PRO A 486 35.73 22.07 25.65
C PRO A 486 35.48 21.49 27.03
N HIS A 487 35.98 20.26 27.21
CA HIS A 487 35.95 19.54 28.48
C HIS A 487 34.53 19.20 28.92
N ILE A 488 33.55 19.46 28.06
CA ILE A 488 32.15 19.13 28.36
C ILE A 488 31.55 18.47 27.13
N LYS A 489 30.45 17.76 27.35
CA LYS A 489 29.75 17.04 26.30
C LYS A 489 28.42 17.68 25.92
N ILE A 490 27.59 17.99 26.90
CA ILE A 490 26.29 18.61 26.68
C ILE A 490 26.25 19.93 27.43
N GLU A 491 25.83 21.00 26.74
CA GLU A 491 25.69 22.30 27.38
C GLU A 491 24.39 22.95 26.93
N MET A 492 23.70 23.57 27.89
CA MET A 492 22.45 24.27 27.63
C MET A 492 22.52 25.65 28.25
N LYS A 493 21.73 26.57 27.71
CA LYS A 493 21.68 27.96 28.20
C LYS A 493 20.26 28.48 28.03
N ASN A 494 19.51 28.47 29.14
CA ASN A 494 18.14 29.00 29.23
C ASN A 494 17.31 28.64 28.00
N ALA A 495 17.23 27.35 27.71
CA ALA A 495 16.37 26.88 26.63
C ALA A 495 14.91 27.02 27.04
N THR A 496 14.05 27.22 26.03
CA THR A 496 12.60 27.37 26.21
C THR A 496 11.91 26.53 25.12
N LEU A 497 11.60 25.28 25.45
CA LEU A 497 11.14 24.31 24.46
C LEU A 497 9.86 23.64 24.92
N ALA A 498 9.07 23.15 23.96
CA ALA A 498 7.83 22.42 24.21
C ALA A 498 7.43 21.70 22.92
N TRP A 499 6.45 20.78 23.02
CA TRP A 499 6.00 20.15 21.79
C TRP A 499 5.36 21.17 20.86
N ASP A 500 4.96 20.71 19.68
CA ASP A 500 4.34 21.55 18.68
C ASP A 500 2.99 22.09 19.15
N LEU A 572 4.88 24.71 17.96
CA LEU A 572 4.98 26.08 17.46
C LEU A 572 3.72 26.87 17.78
N ARG A 573 2.64 26.16 18.09
CA ARG A 573 1.36 26.78 18.42
C ARG A 573 0.77 26.15 19.67
N LEU A 574 1.62 25.83 20.63
CA LEU A 574 1.18 25.18 21.87
C LEU A 574 1.88 25.87 23.03
N GLN A 575 1.20 25.92 24.17
CA GLN A 575 1.73 26.60 25.35
C GLN A 575 3.06 25.98 25.78
N ARG A 576 4.03 26.84 26.05
CA ARG A 576 5.38 26.38 26.39
C ARG A 576 5.37 25.65 27.73
N THR A 577 6.18 24.58 27.81
CA THR A 577 6.32 23.78 29.01
C THR A 577 7.64 24.00 29.72
N LEU A 578 8.73 24.07 28.97
CA LEU A 578 10.06 24.31 29.53
C LEU A 578 10.49 25.74 29.22
N HIS A 579 10.95 26.45 30.25
CA HIS A 579 11.43 27.82 30.07
C HIS A 579 12.68 28.03 30.91
N SER A 580 13.70 28.62 30.29
CA SER A 580 14.96 28.98 30.96
C SER A 580 15.61 27.75 31.60
N ILE A 581 15.98 26.80 30.76
CA ILE A 581 16.66 25.58 31.20
C ILE A 581 18.16 25.78 31.04
N ASP A 582 18.92 25.51 32.11
CA ASP A 582 20.36 25.65 32.10
C ASP A 582 20.97 24.53 32.94
N LEU A 583 21.88 23.77 32.34
CA LEU A 583 22.57 22.69 33.05
C LEU A 583 23.86 22.36 32.31
N GLU A 584 24.74 21.65 33.01
CA GLU A 584 25.99 21.17 32.44
C GLU A 584 26.28 19.77 32.96
N ILE A 585 26.98 18.98 32.16
CA ILE A 585 27.33 17.60 32.49
C ILE A 585 28.82 17.43 32.33
N GLN A 586 29.47 16.93 33.38
CA GLN A 586 30.91 16.65 33.33
C GLN A 586 31.16 15.31 32.68
N GLU A 587 32.35 15.17 32.09
CA GLU A 587 32.71 13.92 31.42
C GLU A 587 32.86 12.78 32.42
N GLY A 588 32.29 11.63 32.07
CA GLY A 588 32.40 10.45 32.91
C GLY A 588 31.75 10.60 34.28
N LYS A 589 30.55 11.14 34.34
CA LYS A 589 29.84 11.35 35.60
C LYS A 589 28.42 10.82 35.47
N LEU A 590 27.86 10.42 36.61
CA LEU A 590 26.49 9.92 36.69
C LEU A 590 25.60 10.97 37.33
N VAL A 591 24.52 11.33 36.64
CA VAL A 591 23.61 12.38 37.09
C VAL A 591 22.18 11.87 37.03
N GLY A 592 21.40 12.20 38.05
CA GLY A 592 19.99 11.86 38.09
C GLY A 592 19.14 13.12 38.17
N ILE A 593 17.96 13.05 37.57
CA ILE A 593 17.11 14.24 37.47
C ILE A 593 16.00 14.20 38.51
N CYS A 594 15.10 13.22 38.39
CA CYS A 594 13.94 13.08 39.26
C CYS A 594 12.96 14.24 39.11
N GLY A 595 11.71 14.03 39.50
CA GLY A 595 10.69 15.07 39.37
C GLY A 595 9.27 14.55 39.44
N SER A 596 8.44 14.94 38.48
CA SER A 596 7.03 14.57 38.48
C SER A 596 6.52 14.57 37.04
N VAL A 597 5.20 14.53 36.88
CA VAL A 597 4.55 14.47 35.56
C VAL A 597 4.45 15.90 35.05
N GLY A 598 5.17 16.81 35.70
CA GLY A 598 5.14 18.24 35.43
C GLY A 598 6.25 18.60 34.48
N SER A 599 7.39 19.03 35.01
CA SER A 599 8.55 19.42 34.21
C SER A 599 8.78 18.51 33.01
N GLY A 600 8.49 17.22 33.17
CA GLY A 600 8.50 16.34 32.01
C GLY A 600 9.88 15.99 31.50
N LYS A 601 10.62 15.19 32.27
CA LYS A 601 12.01 14.86 31.92
C LYS A 601 12.05 13.81 30.80
N THR A 602 11.38 14.13 29.72
CA THR A 602 11.51 13.43 28.44
C THR A 602 11.68 14.39 27.29
N SER A 603 11.17 15.61 27.42
CA SER A 603 11.48 16.65 26.45
C SER A 603 12.94 17.08 26.55
N LEU A 604 13.51 17.07 27.76
CA LEU A 604 14.90 17.45 27.93
C LEU A 604 15.84 16.48 27.21
N ILE A 605 15.57 15.18 27.31
CA ILE A 605 16.42 14.20 26.64
C ILE A 605 16.32 14.35 25.13
N SER A 606 15.11 14.52 24.61
CA SER A 606 14.92 14.63 23.17
C SER A 606 15.31 16.00 22.62
N ALA A 607 15.56 16.99 23.49
CA ALA A 607 15.94 18.30 23.01
C ALA A 607 17.28 18.28 22.28
N ILE A 608 18.26 17.54 22.82
CA ILE A 608 19.59 17.53 22.22
C ILE A 608 19.65 16.70 20.95
N LEU A 609 18.71 15.76 20.76
CA LEU A 609 18.70 14.97 19.53
C LEU A 609 18.49 15.85 18.30
N GLY A 610 17.60 16.83 18.40
CA GLY A 610 17.22 17.67 17.28
C GLY A 610 15.78 17.52 16.84
N GLN A 611 15.00 16.69 17.53
CA GLN A 611 13.59 16.47 17.22
C GLN A 611 12.70 17.53 17.87
N MET A 612 13.28 18.40 18.70
CA MET A 612 12.56 19.38 19.48
C MET A 612 12.58 20.73 18.77
N THR A 613 11.42 21.38 18.68
CA THR A 613 11.38 22.72 18.12
C THR A 613 12.06 23.71 19.05
N LEU A 614 12.66 24.74 18.46
CA LEU A 614 13.46 25.69 19.21
C LEU A 614 12.97 27.11 18.95
N LEU A 615 13.01 27.94 19.99
CA LEU A 615 12.69 29.36 19.89
C LEU A 615 13.85 30.24 20.31
N GLU A 616 14.46 29.97 21.46
CA GLU A 616 15.57 30.76 21.98
C GLU A 616 16.56 29.81 22.66
N GLY A 617 17.48 30.38 23.41
CA GLY A 617 18.45 29.58 24.15
C GLY A 617 19.66 29.22 23.33
N SER A 618 20.48 28.34 23.89
CA SER A 618 21.70 27.87 23.25
C SER A 618 21.97 26.44 23.69
N ILE A 619 22.17 25.55 22.71
CA ILE A 619 22.46 24.14 22.95
C ILE A 619 23.74 23.78 22.22
N ALA A 620 24.64 23.10 22.91
CA ALA A 620 25.92 22.69 22.33
C ALA A 620 26.19 21.24 22.70
N ILE A 621 26.76 20.48 21.75
CA ILE A 621 26.96 19.06 21.99
C ILE A 621 27.93 18.53 20.94
N SER A 622 28.71 17.52 21.32
CA SER A 622 29.76 17.00 20.46
C SER A 622 30.06 15.57 20.89
N GLY A 623 29.68 14.60 20.07
CA GLY A 623 29.94 13.22 20.38
C GLY A 623 28.96 12.32 19.64
N THR A 624 28.95 11.06 20.05
CA THR A 624 28.07 10.04 19.49
C THR A 624 27.15 9.51 20.57
N PHE A 625 25.95 9.09 20.18
CA PHE A 625 24.94 8.61 21.13
C PHE A 625 24.58 7.17 20.83
N ALA A 626 24.13 6.48 21.87
CA ALA A 626 23.49 5.17 21.74
C ALA A 626 22.13 5.31 22.40
N TYR A 627 21.16 5.83 21.65
CA TYR A 627 19.88 6.22 22.21
C TYR A 627 19.11 5.00 22.69
N VAL A 628 18.35 5.20 23.77
CA VAL A 628 17.39 4.21 24.25
C VAL A 628 16.07 4.95 24.46
N ALA A 629 14.99 4.41 23.91
CA ALA A 629 13.69 5.05 24.03
C ALA A 629 12.93 4.50 25.23
N GLN A 630 11.87 5.20 25.62
CA GLN A 630 11.01 4.71 26.70
C GLN A 630 10.35 3.39 26.31
N GLN A 631 9.97 3.25 25.04
CA GLN A 631 9.46 2.00 24.51
C GLN A 631 10.62 1.20 23.90
N ALA A 632 10.28 0.15 23.15
CA ALA A 632 11.27 -0.72 22.54
C ALA A 632 10.99 -0.89 21.06
N TRP A 633 12.05 -0.93 20.25
CA TRP A 633 11.98 -1.19 18.83
C TRP A 633 12.82 -2.41 18.49
N ILE A 634 12.18 -3.43 17.91
CA ILE A 634 12.83 -4.70 17.62
C ILE A 634 12.55 -5.07 16.16
N LEU A 635 13.60 -5.40 15.43
CA LEU A 635 13.51 -5.67 14.00
C LEU A 635 13.07 -7.12 13.78
N ASN A 636 13.07 -7.55 12.51
CA ASN A 636 12.62 -8.89 12.13
C ASN A 636 13.75 -9.91 12.04
N ALA A 637 15.01 -9.49 12.19
CA ALA A 637 16.12 -10.41 12.07
C ALA A 637 16.17 -11.34 13.27
N THR A 638 17.18 -12.22 13.31
CA THR A 638 17.33 -13.15 14.42
C THR A 638 17.95 -12.43 15.62
N LEU A 639 17.92 -13.12 16.77
CA LEU A 639 18.35 -12.49 18.01
C LEU A 639 19.81 -12.07 17.97
N ARG A 640 20.68 -12.93 17.42
CA ARG A 640 22.10 -12.59 17.34
C ARG A 640 22.32 -11.38 16.43
N ASP A 641 21.59 -11.30 15.31
CA ASP A 641 21.70 -10.13 14.44
C ASP A 641 21.16 -8.89 15.15
N ASN A 642 20.09 -9.03 15.92
CA ASN A 642 19.55 -7.90 16.66
C ASN A 642 20.55 -7.35 17.66
N ILE A 643 21.24 -8.24 18.38
CA ILE A 643 22.24 -7.79 19.33
C ILE A 643 23.43 -7.17 18.61
N LEU A 644 23.86 -7.77 17.50
CA LEU A 644 25.03 -7.28 16.79
C LEU A 644 24.75 -5.94 16.11
N PHE A 645 23.60 -5.82 15.44
CA PHE A 645 23.25 -4.62 14.68
C PHE A 645 24.31 -4.29 13.64
N GLY A 646 24.56 -5.25 12.75
CA GLY A 646 25.48 -5.06 11.66
C GLY A 646 26.92 -4.84 12.06
N LYS A 647 27.41 -5.63 13.02
CA LYS A 647 28.78 -5.52 13.49
C LYS A 647 29.51 -6.83 13.25
N GLU A 648 30.84 -6.77 13.32
CA GLU A 648 31.65 -7.96 13.15
C GLU A 648 31.50 -8.88 14.35
N TYR A 649 31.55 -10.18 14.08
CA TYR A 649 31.38 -11.17 15.15
C TYR A 649 32.61 -11.20 16.05
N ASP A 650 32.40 -11.62 17.29
CA ASP A 650 33.46 -11.78 18.26
C ASP A 650 33.08 -12.88 19.24
N GLU A 651 34.02 -13.27 20.10
CA GLU A 651 33.80 -14.33 21.07
C GLU A 651 33.96 -13.86 22.51
N GLU A 652 34.95 -13.01 22.79
CA GLU A 652 35.16 -12.57 24.16
C GLU A 652 34.18 -11.46 24.55
N ARG A 653 34.06 -10.43 23.71
CA ARG A 653 33.17 -9.32 24.02
C ARG A 653 31.72 -9.79 24.05
N TYR A 654 31.34 -10.65 23.12
CA TYR A 654 29.98 -11.19 23.10
C TYR A 654 29.67 -11.96 24.38
N ASN A 655 30.61 -12.80 24.83
CA ASN A 655 30.39 -13.54 26.07
C ASN A 655 30.30 -12.59 27.26
N SER A 656 31.14 -11.55 27.27
CA SER A 656 31.08 -10.58 28.36
C SER A 656 29.74 -9.86 28.40
N VAL A 657 29.22 -9.47 27.23
CA VAL A 657 27.91 -8.82 27.17
C VAL A 657 26.82 -9.77 27.66
N LEU A 658 26.84 -11.02 27.21
CA LEU A 658 25.82 -11.98 27.63
C LEU A 658 25.88 -12.23 29.13
N ASN A 659 27.08 -12.23 29.71
CA ASN A 659 27.21 -12.46 31.14
C ASN A 659 26.94 -11.21 31.98
N SER A 660 27.00 -10.02 31.38
CA SER A 660 26.85 -8.79 32.15
C SER A 660 25.41 -8.30 32.25
N CYS A 661 24.48 -8.89 31.51
CA CYS A 661 23.08 -8.48 31.52
C CYS A 661 22.17 -9.53 32.13
N CYS A 662 22.73 -10.58 32.73
CA CYS A 662 21.94 -11.66 33.32
C CYS A 662 20.97 -12.27 32.29
N LEU A 663 21.46 -12.46 31.07
CA LEU A 663 20.65 -13.00 29.99
C LEU A 663 20.81 -14.50 29.78
N ARG A 664 21.70 -15.15 30.53
CA ARG A 664 22.03 -16.55 30.24
C ARG A 664 20.84 -17.49 30.36
N PRO A 665 20.07 -17.50 31.46
CA PRO A 665 18.92 -18.42 31.52
C PRO A 665 17.89 -18.17 30.44
N ASP A 666 17.72 -16.91 30.03
CA ASP A 666 16.77 -16.62 28.96
C ASP A 666 17.20 -17.28 27.66
N LEU A 667 18.49 -17.22 27.33
CA LEU A 667 18.97 -17.89 26.13
C LEU A 667 18.94 -19.41 26.27
N ALA A 668 19.16 -19.92 27.49
CA ALA A 668 19.13 -21.36 27.70
C ALA A 668 17.71 -21.92 27.55
N ILE A 669 16.69 -21.16 27.94
CA ILE A 669 15.32 -21.65 27.85
C ILE A 669 14.80 -21.74 26.42
N LEU A 670 15.51 -21.16 25.45
CA LEU A 670 15.06 -21.22 24.07
C LEU A 670 15.05 -22.67 23.59
N PRO A 671 14.09 -23.05 22.74
CA PRO A 671 13.97 -24.45 22.34
C PRO A 671 15.14 -24.95 21.52
N SER A 672 15.50 -24.21 20.46
CA SER A 672 16.53 -24.67 19.55
C SER A 672 17.92 -24.17 19.94
N SER A 673 18.11 -22.87 19.95
CA SER A 673 19.42 -22.28 20.18
C SER A 673 19.23 -20.78 20.34
N ASP A 674 20.34 -20.05 20.47
CA ASP A 674 20.28 -18.59 20.49
C ASP A 674 19.72 -18.04 19.20
N LEU A 675 20.12 -18.61 18.06
CA LEU A 675 19.63 -18.16 16.77
C LEU A 675 18.17 -18.55 16.58
N THR A 676 17.27 -17.60 16.79
CA THR A 676 15.84 -17.84 16.64
C THR A 676 15.19 -16.61 16.03
N GLU A 677 14.07 -16.83 15.34
CA GLU A 677 13.32 -15.71 14.80
C GLU A 677 12.55 -15.01 15.92
N ILE A 678 12.52 -13.69 15.87
CA ILE A 678 11.87 -12.87 16.89
C ILE A 678 10.43 -12.56 16.52
N GLY A 679 10.23 -11.89 15.39
CA GLY A 679 8.90 -11.48 14.99
C GLY A 679 8.93 -10.12 14.32
N GLU A 680 7.76 -9.55 14.03
CA GLU A 680 7.73 -8.24 13.39
C GLU A 680 8.19 -7.15 14.35
N ARG A 681 7.65 -7.14 15.56
CA ARG A 681 7.99 -6.11 16.54
C ARG A 681 8.20 -6.70 17.93
N GLY A 682 8.82 -7.86 18.00
CA GLY A 682 9.03 -8.50 19.28
C GLY A 682 7.75 -8.89 19.98
N ALA A 683 6.76 -9.34 19.22
CA ALA A 683 5.48 -9.72 19.81
C ALA A 683 5.54 -11.02 20.58
N ASN A 684 6.63 -11.77 20.49
CA ASN A 684 6.76 -13.04 21.20
C ASN A 684 7.48 -12.90 22.53
N LEU A 685 7.85 -11.68 22.93
CA LEU A 685 8.62 -11.45 24.15
C LEU A 685 7.86 -10.51 25.06
N SER A 686 8.15 -10.61 26.35
CA SER A 686 7.55 -9.71 27.33
C SER A 686 8.25 -8.36 27.31
N GLY A 687 7.73 -7.43 28.12
CA GLY A 687 8.31 -6.10 28.17
C GLY A 687 9.69 -6.08 28.78
N GLY A 688 9.91 -6.86 29.84
CA GLY A 688 11.22 -6.90 30.45
C GLY A 688 12.28 -7.44 29.52
N GLN A 689 11.95 -8.48 28.76
CA GLN A 689 12.92 -9.06 27.83
C GLN A 689 13.28 -8.06 26.73
N ARG A 690 12.29 -7.33 26.22
CA ARG A 690 12.57 -6.32 25.20
C ARG A 690 13.45 -5.20 25.78
N GLN A 691 13.17 -4.77 27.01
CA GLN A 691 14.02 -3.77 27.63
C GLN A 691 15.44 -4.27 27.78
N ARG A 692 15.60 -5.54 28.20
CA ARG A 692 16.93 -6.09 28.37
C ARG A 692 17.67 -6.21 27.05
N ILE A 693 16.97 -6.61 25.98
CA ILE A 693 17.61 -6.71 24.67
C ILE A 693 18.07 -5.33 24.21
N SER A 694 17.23 -4.31 24.40
CA SER A 694 17.63 -2.96 24.00
C SER A 694 18.83 -2.49 24.81
N LEU A 695 18.84 -2.75 26.11
CA LEU A 695 19.97 -2.37 26.94
C LEU A 695 21.24 -3.09 26.50
N ALA A 696 21.13 -4.38 26.17
CA ALA A 696 22.30 -5.14 25.75
C ALA A 696 22.85 -4.62 24.43
N ARG A 697 21.97 -4.27 23.49
CA ARG A 697 22.43 -3.71 22.22
C ARG A 697 23.15 -2.39 22.44
N ALA A 698 22.58 -1.52 23.28
CA ALA A 698 23.24 -0.25 23.57
C ALA A 698 24.60 -0.47 24.24
N LEU A 699 24.67 -1.45 25.13
CA LEU A 699 25.92 -1.75 25.83
C LEU A 699 26.99 -2.25 24.86
N TYR A 700 26.62 -3.15 23.96
CA TYR A 700 27.60 -3.75 23.06
C TYR A 700 28.00 -2.81 21.94
N SER A 701 27.14 -1.87 21.54
CA SER A 701 27.49 -0.98 20.43
C SER A 701 28.74 -0.16 20.73
N ASP A 702 29.02 0.10 22.00
CA ASP A 702 30.22 0.80 22.43
C ASP A 702 30.32 2.19 21.79
N ARG A 703 29.38 3.05 22.16
CA ARG A 703 29.39 4.44 21.74
C ARG A 703 29.93 5.33 22.85
N SER A 704 30.19 6.60 22.52
CA SER A 704 30.85 7.49 23.46
C SER A 704 29.91 7.92 24.59
N ILE A 705 28.67 8.30 24.26
CA ILE A 705 27.73 8.84 25.23
C ILE A 705 26.50 7.94 25.29
N TYR A 706 26.10 7.56 26.49
CA TYR A 706 24.96 6.69 26.70
C TYR A 706 23.79 7.50 27.24
N ILE A 707 22.63 7.34 26.63
CA ILE A 707 21.39 7.99 27.07
C ILE A 707 20.36 6.91 27.35
N LEU A 708 19.97 6.78 28.61
CA LEU A 708 19.01 5.77 29.02
C LEU A 708 17.74 6.45 29.50
N ASP A 709 16.62 6.09 28.91
CA ASP A 709 15.32 6.67 29.22
C ASP A 709 14.58 5.70 30.15
N ASP A 710 14.90 5.76 31.44
CA ASP A 710 14.29 4.91 32.45
C ASP A 710 14.38 3.44 32.07
N PRO A 711 15.59 2.86 32.05
CA PRO A 711 15.71 1.45 31.67
C PRO A 711 15.44 0.48 32.80
N LEU A 712 15.10 0.96 33.98
CA LEU A 712 14.86 0.13 35.16
C LEU A 712 13.49 0.41 35.75
N SER A 713 12.47 0.41 34.88
CA SER A 713 11.11 0.69 35.28
C SER A 713 10.27 -0.57 35.42
N ALA A 714 10.14 -1.35 34.36
CA ALA A 714 9.26 -2.52 34.36
C ALA A 714 9.89 -3.74 35.03
N LEU A 715 11.20 -3.75 35.23
CA LEU A 715 11.88 -4.90 35.79
C LEU A 715 11.79 -4.90 37.31
N CYS A 716 12.17 -6.03 37.90
CA CYS A 716 11.98 -6.28 39.33
C CYS A 716 13.08 -5.59 40.13
N ALA A 717 13.21 -5.97 41.41
CA ALA A 717 14.18 -5.38 42.31
C ALA A 717 15.54 -6.07 42.26
N HIS A 718 15.56 -7.40 42.39
CA HIS A 718 16.82 -8.12 42.49
C HIS A 718 17.65 -7.98 41.20
N VAL A 719 17.02 -8.23 40.05
CA VAL A 719 17.73 -8.16 38.79
C VAL A 719 18.19 -6.73 38.50
N GLY A 720 17.35 -5.75 38.83
CA GLY A 720 17.75 -4.36 38.65
C GLY A 720 18.95 -3.99 39.50
N ASN A 721 18.94 -4.42 40.76
CA ASN A 721 20.08 -4.16 41.64
C ASN A 721 21.34 -4.82 41.11
N HIS A 722 21.23 -6.08 40.66
CA HIS A 722 22.39 -6.77 40.12
C HIS A 722 22.93 -6.09 38.87
N ILE A 723 22.04 -5.68 37.97
CA ILE A 723 22.48 -5.01 36.74
C ILE A 723 23.16 -3.69 37.07
N PHE A 724 22.58 -2.92 37.98
CA PHE A 724 23.16 -1.63 38.32
C PHE A 724 24.52 -1.81 39.00
N ASN A 725 24.65 -2.83 39.86
CA ASN A 725 25.90 -3.03 40.57
C ASN A 725 26.98 -3.60 39.66
N SER A 726 26.61 -4.36 38.63
CA SER A 726 27.57 -5.03 37.76
C SER A 726 27.82 -4.27 36.47
N ALA A 727 26.77 -4.01 35.69
CA ALA A 727 26.96 -3.40 34.37
C ALA A 727 27.24 -1.91 34.47
N ILE A 728 26.30 -1.15 35.01
CA ILE A 728 26.43 0.31 35.02
C ILE A 728 27.58 0.73 35.93
N ARG A 729 27.73 0.08 37.09
CA ARG A 729 28.76 0.50 38.03
C ARG A 729 30.16 0.21 37.50
N LYS A 730 30.38 -0.98 36.94
CA LYS A 730 31.71 -1.41 36.54
C LYS A 730 31.93 -1.40 35.03
N HIS A 731 31.09 -2.12 34.27
CA HIS A 731 31.35 -2.31 32.85
C HIS A 731 31.20 -1.03 32.04
N LEU A 732 30.52 -0.03 32.57
CA LEU A 732 30.30 1.24 31.87
C LEU A 732 30.88 2.41 32.66
N LYS A 733 31.88 2.16 33.48
CA LYS A 733 32.45 3.18 34.34
C LYS A 733 33.49 4.05 33.64
N SER A 734 33.86 3.73 32.41
CA SER A 734 34.87 4.48 31.69
C SER A 734 34.31 5.52 30.73
N LYS A 735 32.98 5.68 30.68
CA LYS A 735 32.33 6.60 29.75
C LYS A 735 31.42 7.53 30.55
N THR A 736 30.62 8.31 29.81
CA THR A 736 29.66 9.24 30.40
C THR A 736 28.25 8.68 30.24
N VAL A 737 27.55 8.53 31.35
CA VAL A 737 26.21 7.96 31.37
C VAL A 737 25.25 8.99 31.96
N LEU A 738 24.19 9.30 31.21
CA LEU A 738 23.16 10.22 31.64
C LEU A 738 21.80 9.53 31.57
N PHE A 739 21.13 9.41 32.71
CA PHE A 739 19.85 8.72 32.74
C PHE A 739 18.99 9.31 33.84
N VAL A 740 17.67 9.19 33.65
CA VAL A 740 16.69 9.74 34.57
C VAL A 740 16.03 8.58 35.32
N THR A 741 15.39 8.91 36.43
CA THR A 741 14.77 7.88 37.26
C THR A 741 13.69 8.49 38.12
N HIS A 742 12.79 7.63 38.58
CA HIS A 742 11.73 7.99 39.51
C HIS A 742 11.92 7.35 40.88
N GLN A 743 12.82 6.39 41.01
CA GLN A 743 13.06 5.67 42.25
C GLN A 743 14.35 6.16 42.88
N LEU A 744 14.29 6.52 44.16
CA LEU A 744 15.43 7.06 44.87
C LEU A 744 16.29 6.00 45.55
N GLN A 745 15.99 4.72 45.33
CA GLN A 745 16.79 3.67 45.94
C GLN A 745 18.22 3.70 45.44
N TYR A 746 18.42 3.93 44.15
CA TYR A 746 19.75 3.94 43.56
C TYR A 746 20.38 5.33 43.51
N LEU A 747 19.69 6.35 44.01
CA LEU A 747 20.25 7.69 43.98
C LEU A 747 21.34 7.91 45.02
N VAL A 748 21.50 6.99 45.96
CA VAL A 748 22.55 7.13 46.97
C VAL A 748 23.93 7.05 46.32
N ASP A 749 24.12 6.10 45.42
CA ASP A 749 25.42 5.87 44.78
C ASP A 749 25.69 6.83 43.63
N CYS A 750 24.72 7.64 43.23
CA CYS A 750 24.94 8.56 42.13
C CYS A 750 25.87 9.69 42.55
N ASP A 751 26.38 10.41 41.55
CA ASP A 751 27.35 11.48 41.79
C ASP A 751 26.66 12.82 42.03
N GLU A 752 25.82 13.25 41.09
CA GLU A 752 25.13 14.52 41.19
C GLU A 752 23.66 14.34 40.87
N VAL A 753 22.83 15.21 41.43
CA VAL A 753 21.39 15.21 41.18
C VAL A 753 20.94 16.63 40.89
N ILE A 754 20.23 16.80 39.78
CA ILE A 754 19.72 18.10 39.35
C ILE A 754 18.20 18.02 39.39
N PHE A 755 17.57 18.88 40.19
CA PHE A 755 16.13 18.87 40.40
C PHE A 755 15.48 20.03 39.64
N MET A 756 14.48 19.71 38.83
CA MET A 756 13.75 20.72 38.08
C MET A 756 12.25 20.47 38.22
N LYS A 757 11.48 21.56 38.21
CA LYS A 757 10.04 21.48 38.36
C LYS A 757 9.36 22.49 37.45
N GLU A 758 8.27 22.06 36.83
CA GLU A 758 7.46 22.92 35.95
C GLU A 758 8.32 23.57 34.86
N GLY A 759 9.27 22.82 34.34
CA GLY A 759 10.18 23.35 33.35
C GLY A 759 11.20 24.33 33.88
N CYS A 760 11.38 24.40 35.20
CA CYS A 760 12.32 25.32 35.82
C CYS A 760 13.19 24.58 36.81
N ILE A 761 14.49 24.81 36.73
CA ILE A 761 15.45 24.20 37.65
C ILE A 761 15.48 25.00 38.94
N THR A 762 15.23 24.32 40.06
CA THR A 762 15.20 24.98 41.36
C THR A 762 16.55 24.89 42.06
N GLU A 763 17.01 23.67 42.35
CA GLU A 763 18.26 23.45 43.05
C GLU A 763 19.05 22.35 42.36
N ARG A 764 20.36 22.56 42.24
CA ARG A 764 21.23 21.59 41.61
C ARG A 764 22.54 21.53 42.38
N GLY A 765 23.22 20.39 42.27
CA GLY A 765 24.48 20.19 42.95
C GLY A 765 24.67 18.77 43.45
N THR A 766 25.57 18.61 44.42
CA THR A 766 25.83 17.30 44.98
C THR A 766 24.59 16.76 45.68
N HIS A 767 24.37 15.45 45.56
CA HIS A 767 23.21 14.84 46.21
C HIS A 767 23.24 15.01 47.71
N GLU A 768 24.43 15.08 48.31
CA GLU A 768 24.55 15.24 49.75
C GLU A 768 24.01 16.58 50.23
N GLU A 769 23.85 17.56 49.34
CA GLU A 769 23.34 18.87 49.72
C GLU A 769 21.82 18.92 49.80
N LEU A 770 21.12 17.91 49.27
CA LEU A 770 19.66 17.92 49.24
C LEU A 770 19.07 17.23 50.47
N MET A 771 19.52 17.64 51.65
CA MET A 771 18.99 17.15 52.92
C MET A 771 18.33 18.24 53.75
N ASN A 772 19.02 19.37 53.95
CA ASN A 772 18.50 20.43 54.79
C ASN A 772 17.88 21.57 54.00
N LEU A 773 18.27 21.77 52.74
CA LEU A 773 17.73 22.87 51.96
C LEU A 773 16.25 22.65 51.66
N ASN A 774 15.90 21.45 51.18
CA ASN A 774 14.50 21.14 50.87
C ASN A 774 14.34 19.62 50.95
N GLY A 775 13.71 19.14 52.01
CA GLY A 775 13.41 17.73 52.15
C GLY A 775 12.06 17.36 51.60
N ASP A 776 11.78 17.78 50.36
CA ASP A 776 10.48 17.53 49.76
C ASP A 776 10.30 16.04 49.48
N TYR A 777 11.16 15.47 48.63
CA TYR A 777 11.10 14.04 48.35
C TYR A 777 11.72 13.21 49.45
N ALA A 778 12.49 13.82 50.36
CA ALA A 778 13.15 13.07 51.42
C ALA A 778 12.15 12.36 52.31
N THR A 779 10.93 12.89 52.42
CA THR A 779 9.89 12.21 53.18
C THR A 779 9.61 10.82 52.61
N ILE A 780 9.60 10.70 51.29
CA ILE A 780 9.52 9.38 50.66
C ILE A 780 10.76 8.57 50.98
N PHE A 781 11.93 9.22 50.94
CA PHE A 781 13.20 8.56 51.22
C PHE A 781 13.40 8.26 52.70
N ASN A 782 12.55 8.79 53.57
CA ASN A 782 12.71 8.56 55.00
C ASN A 782 12.58 7.08 55.35
N ASN A 783 11.43 6.49 55.01
CA ASN A 783 11.17 5.09 55.30
C ASN A 783 9.99 4.63 54.45
N LEU A 784 9.52 3.42 54.70
CA LEU A 784 8.37 2.89 53.98
C LEU A 784 7.11 3.66 54.34
N LEU A 785 6.29 3.95 53.32
CA LEU A 785 5.05 4.68 53.52
C LEU A 785 3.84 3.85 53.08
N GLU A 834 4.97 -15.53 -0.50
CA GLU A 834 3.85 -16.45 -0.53
C GLU A 834 4.12 -17.58 -1.51
N GLU A 835 3.06 -18.22 -2.00
CA GLU A 835 3.17 -19.35 -2.92
C GLU A 835 2.67 -18.95 -4.30
N LYS A 836 3.46 -19.23 -5.32
CA LYS A 836 3.11 -18.94 -6.70
C LYS A 836 2.41 -20.15 -7.31
N GLY A 837 1.27 -19.91 -7.95
CA GLY A 837 0.55 -20.98 -8.58
C GLY A 837 1.33 -21.60 -9.72
N GLN A 838 1.15 -22.91 -9.90
CA GLN A 838 1.87 -23.67 -10.92
C GLN A 838 0.91 -24.28 -11.94
N GLY A 839 -0.09 -23.51 -12.36
CA GLY A 839 -1.05 -23.99 -13.34
C GLY A 839 -1.76 -22.84 -14.03
N SER A 840 -2.53 -23.19 -15.06
CA SER A 840 -3.28 -22.19 -15.81
C SER A 840 -4.46 -21.68 -14.97
N VAL A 841 -4.90 -20.47 -15.30
CA VAL A 841 -6.00 -19.84 -14.58
C VAL A 841 -7.29 -20.59 -14.90
N PRO A 842 -7.97 -21.13 -13.90
CA PRO A 842 -9.21 -21.85 -14.14
C PRO A 842 -10.37 -20.89 -14.35
N TRP A 843 -11.54 -21.46 -14.63
CA TRP A 843 -12.77 -20.68 -14.81
C TRP A 843 -13.49 -20.43 -13.50
N SER A 844 -12.98 -20.95 -12.39
CA SER A 844 -13.62 -20.73 -11.09
C SER A 844 -13.57 -19.25 -10.71
N VAL A 845 -12.48 -18.57 -11.04
CA VAL A 845 -12.38 -17.14 -10.72
C VAL A 845 -13.42 -16.36 -11.51
N TYR A 846 -13.61 -16.68 -12.80
CA TYR A 846 -14.63 -16.01 -13.58
C TYR A 846 -16.02 -16.30 -13.03
N GLY A 847 -16.27 -17.54 -12.64
CA GLY A 847 -17.55 -17.87 -12.05
C GLY A 847 -17.83 -17.10 -10.78
N VAL A 848 -16.80 -16.94 -9.93
CA VAL A 848 -16.95 -16.15 -8.71
C VAL A 848 -17.20 -14.68 -9.05
N TYR A 849 -16.47 -14.16 -10.05
CA TYR A 849 -16.60 -12.76 -10.42
C TYR A 849 -18.01 -12.46 -10.94
N ILE A 850 -18.56 -13.35 -11.77
CA ILE A 850 -19.88 -13.12 -12.35
C ILE A 850 -21.01 -13.38 -11.36
N GLN A 851 -20.73 -14.09 -10.26
CA GLN A 851 -21.72 -14.37 -9.24
C GLN A 851 -21.81 -13.26 -8.20
N ALA A 852 -21.31 -12.07 -8.52
CA ALA A 852 -21.50 -10.92 -7.65
C ALA A 852 -22.96 -10.50 -7.68
N ALA A 853 -23.30 -9.52 -6.83
CA ALA A 853 -24.69 -9.09 -6.72
C ALA A 853 -25.22 -8.58 -8.05
N GLY A 854 -26.36 -9.11 -8.47
CA GLY A 854 -26.95 -8.74 -9.74
C GLY A 854 -26.09 -9.07 -10.94
N GLY A 855 -25.44 -10.23 -10.92
CA GLY A 855 -24.54 -10.62 -11.98
C GLY A 855 -25.22 -11.03 -13.27
N PRO A 856 -25.95 -12.17 -13.23
CA PRO A 856 -26.51 -12.72 -14.48
C PRO A 856 -27.44 -11.77 -15.21
N LEU A 857 -28.28 -11.03 -14.50
CA LEU A 857 -29.22 -10.13 -15.15
C LEU A 857 -28.49 -9.01 -15.89
N ALA A 858 -27.51 -8.39 -15.22
CA ALA A 858 -26.75 -7.32 -15.86
C ALA A 858 -25.95 -7.84 -17.04
N PHE A 859 -25.35 -9.02 -16.90
CA PHE A 859 -24.59 -9.59 -18.01
C PHE A 859 -25.49 -9.88 -19.20
N LEU A 860 -26.68 -10.45 -18.95
CA LEU A 860 -27.60 -10.74 -20.04
C LEU A 860 -28.07 -9.47 -20.72
N VAL A 861 -28.40 -8.43 -19.95
CA VAL A 861 -28.83 -7.16 -20.54
C VAL A 861 -27.72 -6.57 -21.38
N ILE A 862 -26.49 -6.60 -20.88
CA ILE A 862 -25.36 -6.04 -21.62
C ILE A 862 -25.13 -6.81 -22.91
N MET A 863 -25.20 -8.14 -22.85
CA MET A 863 -24.99 -8.94 -24.06
C MET A 863 -26.10 -8.70 -25.07
N ALA A 864 -27.35 -8.56 -24.61
CA ALA A 864 -28.45 -8.28 -25.53
C ALA A 864 -28.29 -6.92 -26.18
N LEU A 865 -27.91 -5.91 -25.40
CA LEU A 865 -27.69 -4.58 -25.98
C LEU A 865 -26.56 -4.60 -26.99
N PHE A 866 -25.47 -5.30 -26.68
CA PHE A 866 -24.35 -5.39 -27.62
C PHE A 866 -24.76 -6.10 -28.90
N MET A 867 -25.52 -7.19 -28.79
CA MET A 867 -25.97 -7.92 -29.96
C MET A 867 -26.88 -7.05 -30.82
N LEU A 868 -27.80 -6.31 -30.18
CA LEU A 868 -28.68 -5.43 -30.94
C LEU A 868 -27.89 -4.33 -31.63
N ASN A 869 -26.91 -3.75 -30.94
CA ASN A 869 -26.09 -2.70 -31.55
C ASN A 869 -25.31 -3.23 -32.75
N VAL A 870 -24.73 -4.42 -32.62
CA VAL A 870 -23.98 -5.00 -33.73
C VAL A 870 -24.90 -5.34 -34.89
N GLY A 871 -26.10 -5.84 -34.59
CA GLY A 871 -27.07 -6.07 -35.66
C GLY A 871 -27.45 -4.79 -36.38
N SER A 872 -27.63 -3.70 -35.63
CA SER A 872 -27.98 -2.43 -36.25
C SER A 872 -26.85 -1.91 -37.13
N THR A 873 -25.61 -2.00 -36.66
CA THR A 873 -24.51 -1.53 -37.49
C THR A 873 -24.30 -2.43 -38.70
N ALA A 874 -24.59 -3.73 -38.57
CA ALA A 874 -24.52 -4.62 -39.72
C ALA A 874 -25.58 -4.26 -40.76
N PHE A 875 -26.79 -3.96 -40.30
CA PHE A 875 -27.85 -3.55 -41.23
C PHE A 875 -27.49 -2.25 -41.93
N SER A 876 -26.93 -1.30 -41.18
CA SER A 876 -26.50 -0.05 -41.80
C SER A 876 -25.39 -0.28 -42.82
N THR A 877 -24.45 -1.16 -42.50
CA THR A 877 -23.37 -1.47 -43.44
C THR A 877 -23.90 -2.12 -44.71
N TRP A 878 -24.84 -3.06 -44.57
CA TRP A 878 -25.45 -3.68 -45.75
C TRP A 878 -26.21 -2.65 -46.57
N TRP A 879 -26.91 -1.72 -45.90
CA TRP A 879 -27.65 -0.69 -46.61
C TRP A 879 -26.71 0.20 -47.42
N LEU A 880 -25.61 0.64 -46.81
CA LEU A 880 -24.69 1.50 -47.54
C LEU A 880 -23.99 0.74 -48.66
N SER A 881 -23.67 -0.53 -48.44
CA SER A 881 -23.07 -1.34 -49.50
C SER A 881 -24.02 -1.50 -50.68
N TYR A 882 -25.30 -1.76 -50.40
CA TYR A 882 -26.29 -1.87 -51.47
C TYR A 882 -26.46 -0.55 -52.20
N TRP A 883 -26.49 0.56 -51.45
CA TRP A 883 -26.60 1.87 -52.08
C TRP A 883 -25.39 2.19 -52.94
N ILE A 884 -24.22 1.66 -52.57
CA ILE A 884 -23.02 1.86 -53.40
C ILE A 884 -23.21 1.24 -54.77
N LYS A 885 -23.73 0.01 -54.82
CA LYS A 885 -23.97 -0.68 -56.09
C LYS A 885 -25.29 -0.18 -56.69
N GLN A 886 -25.23 1.05 -57.20
CA GLN A 886 -26.38 1.69 -57.83
C GLN A 886 -25.86 2.54 -58.98
N GLY A 887 -26.77 3.31 -59.59
CA GLY A 887 -26.37 4.18 -60.67
C GLY A 887 -25.42 5.28 -60.23
N SER A 888 -24.54 5.68 -61.13
CA SER A 888 -23.55 6.72 -60.86
C SER A 888 -24.13 8.12 -61.07
N GLY A 889 -25.25 8.40 -60.41
CA GLY A 889 -25.90 9.69 -60.52
C GLY A 889 -26.72 9.82 -61.78
N ASN A 890 -27.48 10.93 -61.83
CA ASN A 890 -28.32 11.27 -62.98
C ASN A 890 -29.36 10.18 -63.27
N THR A 891 -29.83 9.51 -62.22
CA THR A 891 -30.85 8.48 -62.38
C THR A 891 -31.64 8.37 -61.08
N THR A 892 -32.95 8.18 -61.21
CA THR A 892 -33.86 8.05 -60.08
C THR A 892 -33.70 9.22 -59.11
N VAL A 893 -33.56 10.42 -59.67
CA VAL A 893 -33.35 11.61 -58.86
C VAL A 893 -34.29 12.72 -59.31
N PRO A 909 -34.74 13.02 -54.63
CA PRO A 909 -35.44 13.23 -53.35
C PRO A 909 -35.18 12.11 -52.35
N HIS A 910 -34.93 10.90 -52.86
CA HIS A 910 -34.71 9.75 -51.99
C HIS A 910 -33.39 9.86 -51.23
N MET A 911 -32.41 10.58 -51.79
CA MET A 911 -31.12 10.71 -51.13
C MET A 911 -31.26 11.48 -49.81
N GLN A 912 -32.06 12.54 -49.80
CA GLN A 912 -32.27 13.31 -48.57
C GLN A 912 -32.97 12.48 -47.50
N TYR A 913 -33.99 11.72 -47.89
CA TYR A 913 -34.68 10.85 -46.94
C TYR A 913 -33.74 9.79 -46.40
N TYR A 914 -32.91 9.21 -47.27
CA TYR A 914 -31.94 8.21 -46.84
C TYR A 914 -30.92 8.81 -45.88
N ALA A 915 -30.48 10.05 -46.15
CA ALA A 915 -29.55 10.71 -45.24
C ALA A 915 -30.19 10.96 -43.89
N SER A 916 -31.46 11.38 -43.87
CA SER A 916 -32.17 11.57 -42.61
C SER A 916 -32.32 10.26 -41.85
N ILE A 917 -32.64 9.18 -42.56
CA ILE A 917 -32.74 7.87 -41.94
C ILE A 917 -31.40 7.46 -41.35
N TYR A 918 -30.32 7.69 -42.09
CA TYR A 918 -28.99 7.39 -41.58
C TYR A 918 -28.68 8.21 -40.32
N ALA A 919 -29.01 9.50 -40.35
CA ALA A 919 -28.74 10.36 -39.20
C ALA A 919 -29.47 9.87 -37.96
N LEU A 920 -30.76 9.55 -38.10
CA LEU A 920 -31.50 9.05 -36.94
C LEU A 920 -30.99 7.68 -36.50
N SER A 921 -30.53 6.86 -37.44
CA SER A 921 -29.96 5.57 -37.08
C SER A 921 -28.72 5.73 -36.20
N MET A 922 -27.80 6.59 -36.64
CA MET A 922 -26.61 6.85 -35.84
C MET A 922 -27.06 7.24 -34.45
N ALA A 923 -27.98 8.21 -34.39
CA ALA A 923 -28.48 8.65 -33.11
C ALA A 923 -28.79 7.47 -32.21
N VAL A 924 -29.65 6.57 -32.68
CA VAL A 924 -30.01 5.40 -31.89
C VAL A 924 -28.77 4.70 -31.35
N MET A 925 -27.90 4.27 -32.26
CA MET A 925 -26.68 3.60 -31.84
C MET A 925 -26.01 4.36 -30.71
N LEU A 926 -25.87 5.67 -30.88
CA LEU A 926 -25.26 6.49 -29.84
C LEU A 926 -26.02 6.32 -28.54
N ILE A 927 -27.30 6.66 -28.54
CA ILE A 927 -28.10 6.46 -27.35
C ILE A 927 -27.81 5.10 -26.77
N LEU A 928 -27.82 4.09 -27.63
CA LEU A 928 -27.60 2.73 -27.16
C LEU A 928 -26.22 2.56 -26.55
N LYS A 929 -25.19 3.16 -27.17
CA LYS A 929 -23.85 3.04 -26.62
C LYS A 929 -23.74 3.76 -25.27
N ALA A 930 -24.38 4.92 -25.12
CA ALA A 930 -24.41 5.58 -23.82
C ALA A 930 -25.05 4.68 -22.78
N ILE A 931 -26.18 4.06 -23.13
CA ILE A 931 -26.89 3.21 -22.17
C ILE A 931 -26.01 2.03 -21.76
N ARG A 932 -25.39 1.35 -22.73
CA ARG A 932 -24.58 0.19 -22.39
C ARG A 932 -23.37 0.57 -21.54
N GLY A 933 -22.73 1.72 -21.85
CA GLY A 933 -21.62 2.15 -21.01
C GLY A 933 -22.04 2.40 -19.58
N VAL A 934 -23.18 3.09 -19.40
CA VAL A 934 -23.67 3.38 -18.06
C VAL A 934 -23.92 2.08 -17.29
N VAL A 935 -24.61 1.13 -17.93
CA VAL A 935 -24.93 -0.13 -17.27
C VAL A 935 -23.67 -0.89 -16.88
N PHE A 936 -22.70 -0.95 -17.81
CA PHE A 936 -21.47 -1.69 -17.53
C PHE A 936 -20.71 -1.08 -16.36
N VAL A 937 -20.59 0.24 -16.32
CA VAL A 937 -19.86 0.88 -15.22
C VAL A 937 -20.54 0.60 -13.89
N LYS A 938 -21.87 0.72 -13.85
CA LYS A 938 -22.58 0.46 -12.59
C LYS A 938 -22.35 -0.98 -12.13
N GLY A 939 -22.46 -1.94 -13.05
CA GLY A 939 -22.30 -3.33 -12.66
C GLY A 939 -20.92 -3.65 -12.14
N THR A 940 -19.88 -3.19 -12.84
CA THR A 940 -18.53 -3.50 -12.40
C THR A 940 -18.23 -2.87 -11.04
N LEU A 941 -18.66 -1.62 -10.82
CA LEU A 941 -18.40 -0.99 -9.53
C LEU A 941 -19.12 -1.70 -8.40
N ARG A 942 -20.38 -2.12 -8.62
CA ARG A 942 -21.08 -2.87 -7.59
C ARG A 942 -20.35 -4.16 -7.26
N ALA A 943 -19.85 -4.86 -8.29
CA ALA A 943 -19.14 -6.12 -8.03
C ALA A 943 -17.88 -5.88 -7.20
N SER A 944 -17.11 -4.85 -7.54
CA SER A 944 -15.89 -4.56 -6.78
C SER A 944 -16.20 -4.23 -5.32
N SER A 945 -17.23 -3.41 -5.11
CA SER A 945 -17.60 -3.05 -3.73
C SER A 945 -18.00 -4.28 -2.93
N ARG A 946 -18.81 -5.16 -3.52
CA ARG A 946 -19.22 -6.37 -2.79
C ARG A 946 -18.03 -7.24 -2.45
N LEU A 947 -17.09 -7.40 -3.39
CA LEU A 947 -15.91 -8.22 -3.11
C LEU A 947 -15.09 -7.66 -1.97
N HIS A 948 -14.86 -6.34 -1.97
CA HIS A 948 -14.09 -5.74 -0.88
C HIS A 948 -14.78 -5.90 0.46
N ASP A 949 -16.11 -5.69 0.49
CA ASP A 949 -16.84 -5.82 1.74
C ASP A 949 -16.78 -7.24 2.27
N GLU A 950 -16.80 -8.23 1.37
CA GLU A 950 -16.65 -9.61 1.83
C GLU A 950 -15.24 -9.85 2.36
N LEU A 951 -14.23 -9.25 1.74
CA LEU A 951 -12.85 -9.50 2.17
C LEU A 951 -12.55 -8.90 3.54
N PHE A 952 -13.10 -7.72 3.82
CA PHE A 952 -12.70 -7.02 5.05
C PHE A 952 -13.08 -7.80 6.29
N ARG A 953 -14.29 -8.38 6.33
CA ARG A 953 -14.72 -9.11 7.51
C ARG A 953 -13.84 -10.32 7.76
N ARG A 954 -13.48 -11.03 6.69
CA ARG A 954 -12.61 -12.20 6.83
C ARG A 954 -11.25 -11.80 7.37
N ILE A 955 -10.69 -10.70 6.89
CA ILE A 955 -9.39 -10.28 7.43
C ILE A 955 -9.51 -9.81 8.88
N LEU A 956 -10.63 -9.14 9.20
CA LEU A 956 -10.82 -8.63 10.56
C LEU A 956 -10.99 -9.75 11.57
N ARG A 957 -11.64 -10.85 11.18
CA ARG A 957 -11.81 -12.00 12.06
C ARG A 957 -10.67 -13.01 11.92
N SER A 958 -9.48 -12.55 11.54
CA SER A 958 -8.33 -13.45 11.42
C SER A 958 -7.81 -13.81 12.81
N PRO A 959 -7.59 -15.10 13.08
CA PRO A 959 -6.99 -15.50 14.36
C PRO A 959 -5.69 -14.78 14.67
N MET A 960 -5.27 -14.82 15.94
CA MET A 960 -4.08 -14.07 16.34
C MET A 960 -2.81 -14.69 15.79
N LYS A 961 -2.77 -16.02 15.66
CA LYS A 961 -1.57 -16.70 15.18
C LYS A 961 -1.23 -16.25 13.76
N PHE A 962 -2.24 -16.04 12.92
CA PHE A 962 -1.98 -15.57 11.56
C PHE A 962 -1.32 -14.20 11.59
N PHE A 963 -1.75 -13.32 12.48
CA PHE A 963 -1.13 -12.01 12.59
C PHE A 963 0.27 -12.12 13.18
N ASP A 964 0.51 -13.17 13.97
CA ASP A 964 1.82 -13.34 14.60
C ASP A 964 2.84 -13.87 13.60
N THR A 965 2.42 -14.76 12.69
CA THR A 965 3.36 -15.37 11.76
C THR A 965 3.54 -14.53 10.50
N THR A 966 2.45 -14.28 9.78
CA THR A 966 2.55 -13.56 8.52
C THR A 966 2.76 -12.07 8.79
N PRO A 967 3.76 -11.45 8.17
CA PRO A 967 4.00 -10.03 8.39
C PRO A 967 2.89 -9.17 7.80
N THR A 968 2.78 -7.95 8.30
CA THR A 968 1.72 -7.04 7.87
C THR A 968 1.88 -6.61 6.42
N GLY A 969 3.11 -6.54 5.90
CA GLY A 969 3.30 -6.15 4.52
C GLY A 969 2.71 -7.15 3.53
N ARG A 970 2.43 -8.36 3.99
CA ARG A 970 1.79 -9.37 3.16
C ARG A 970 0.27 -9.22 3.13
N ILE A 971 -0.31 -8.39 3.99
CA ILE A 971 -1.75 -8.17 4.04
C ILE A 971 -2.14 -6.83 3.43
N LEU A 972 -1.40 -5.78 3.73
CA LEU A 972 -1.72 -4.46 3.22
C LEU A 972 -1.63 -4.37 1.71
N ASN A 973 -0.82 -5.23 1.09
CA ASN A 973 -0.64 -5.15 -0.36
C ASN A 973 -1.96 -5.34 -1.09
N ARG A 974 -2.75 -6.34 -0.70
CA ARG A 974 -4.03 -6.60 -1.32
C ARG A 974 -4.98 -5.42 -1.19
N PHE A 975 -4.64 -4.42 -0.38
CA PHE A 975 -5.51 -3.26 -0.18
C PHE A 975 -4.96 -2.01 -0.87
N SER A 976 -3.80 -2.09 -1.51
CA SER A 976 -3.20 -0.92 -2.15
C SER A 976 -3.02 -1.09 -3.64
N LYS A 977 -2.48 -2.24 -4.07
CA LYS A 977 -2.18 -2.45 -5.48
C LYS A 977 -3.27 -3.18 -6.24
N ASP A 978 -3.88 -4.21 -5.65
CA ASP A 978 -4.91 -4.95 -6.35
C ASP A 978 -6.11 -4.07 -6.67
N MET A 979 -6.52 -3.23 -5.72
CA MET A 979 -7.70 -2.40 -5.94
C MET A 979 -7.47 -1.30 -6.97
N ASP A 980 -6.21 -1.00 -7.29
CA ASP A 980 -5.96 -0.03 -8.34
C ASP A 980 -6.19 -0.62 -9.72
N GLU A 981 -5.79 -1.88 -9.93
CA GLU A 981 -5.89 -2.47 -11.26
C GLU A 981 -7.26 -3.08 -11.53
N VAL A 982 -7.97 -3.50 -10.48
CA VAL A 982 -9.29 -4.10 -10.68
C VAL A 982 -10.32 -3.06 -11.10
N ASP A 983 -10.20 -1.84 -10.57
CA ASP A 983 -11.21 -0.82 -10.80
C ASP A 983 -10.78 0.24 -11.81
N VAL A 984 -9.72 0.00 -12.57
CA VAL A 984 -9.30 0.99 -13.56
C VAL A 984 -9.20 0.34 -14.94
N ARG A 985 -8.39 -0.70 -15.08
CA ARG A 985 -8.04 -1.21 -16.40
C ARG A 985 -8.90 -2.37 -16.86
N LEU A 986 -9.49 -3.12 -15.95
CA LEU A 986 -10.23 -4.33 -16.34
C LEU A 986 -11.44 -4.07 -17.23
N PRO A 987 -12.37 -3.16 -16.89
CA PRO A 987 -13.59 -3.04 -17.70
C PRO A 987 -13.36 -2.69 -19.15
N PHE A 988 -12.39 -1.81 -19.44
CA PHE A 988 -12.14 -1.43 -20.82
C PHE A 988 -11.71 -2.64 -21.65
N GLN A 989 -10.75 -3.42 -21.13
CA GLN A 989 -10.28 -4.59 -21.86
C GLN A 989 -11.38 -5.62 -22.02
N ALA A 990 -12.18 -5.83 -20.97
CA ALA A 990 -13.28 -6.79 -21.08
C ALA A 990 -14.27 -6.39 -22.16
N GLU A 991 -14.67 -5.11 -22.17
CA GLU A 991 -15.64 -4.66 -23.16
C GLU A 991 -15.07 -4.74 -24.57
N MET A 992 -13.80 -4.36 -24.74
CA MET A 992 -13.18 -4.44 -26.06
C MET A 992 -13.13 -5.86 -26.57
N PHE A 993 -12.77 -6.81 -25.69
CA PHE A 993 -12.74 -8.21 -26.11
C PHE A 993 -14.13 -8.70 -26.47
N ILE A 994 -15.15 -8.29 -25.71
CA ILE A 994 -16.52 -8.72 -26.01
C ILE A 994 -16.94 -8.21 -27.39
N GLN A 995 -16.69 -6.93 -27.65
CA GLN A 995 -17.03 -6.37 -28.95
C GLN A 995 -16.28 -7.07 -30.08
N ASN A 996 -14.99 -7.34 -29.87
CA ASN A 996 -14.20 -8.01 -30.90
C ASN A 996 -14.76 -9.40 -31.19
N VAL A 997 -15.11 -10.16 -30.16
CA VAL A 997 -15.57 -11.53 -30.39
C VAL A 997 -16.92 -11.54 -31.08
N ILE A 998 -17.83 -10.61 -30.73
CA ILE A 998 -19.12 -10.62 -31.40
C ILE A 998 -18.96 -10.20 -32.86
N LEU A 999 -18.09 -9.22 -33.12
CA LEU A 999 -17.85 -8.81 -34.50
C LEU A 999 -17.25 -9.95 -35.31
N VAL A 1000 -16.30 -10.70 -34.74
CA VAL A 1000 -15.68 -11.80 -35.46
C VAL A 1000 -16.71 -12.89 -35.75
N PHE A 1001 -17.55 -13.22 -34.78
CA PHE A 1001 -18.57 -14.24 -35.02
C PHE A 1001 -19.53 -13.79 -36.12
N PHE A 1002 -19.92 -12.52 -36.11
CA PHE A 1002 -20.79 -12.03 -37.17
C PHE A 1002 -20.10 -12.12 -38.53
N CYS A 1003 -18.83 -11.76 -38.59
CA CYS A 1003 -18.11 -11.79 -39.88
C CYS A 1003 -17.99 -13.22 -40.41
N VAL A 1004 -17.68 -14.17 -39.54
CA VAL A 1004 -17.55 -15.56 -39.99
C VAL A 1004 -18.91 -16.11 -40.41
N GLY A 1005 -19.97 -15.73 -39.70
CA GLY A 1005 -21.30 -16.14 -40.12
C GLY A 1005 -21.67 -15.59 -41.48
N MET A 1006 -21.36 -14.31 -41.72
CA MET A 1006 -21.65 -13.70 -43.01
C MET A 1006 -20.85 -14.36 -44.12
N ILE A 1007 -19.57 -14.67 -43.87
CA ILE A 1007 -18.75 -15.35 -44.86
C ILE A 1007 -19.33 -16.73 -45.17
N ALA A 1008 -19.75 -17.47 -44.13
CA ALA A 1008 -20.39 -18.76 -44.36
C ALA A 1008 -21.70 -18.60 -45.12
N GLY A 1009 -22.37 -17.45 -44.98
CA GLY A 1009 -23.62 -17.23 -45.66
C GLY A 1009 -23.50 -17.10 -47.16
N VAL A 1010 -22.88 -16.00 -47.62
CA VAL A 1010 -22.70 -15.75 -49.05
C VAL A 1010 -21.34 -16.31 -49.46
N PHE A 1011 -21.30 -16.95 -50.64
CA PHE A 1011 -20.11 -17.60 -51.16
C PHE A 1011 -19.62 -18.63 -50.14
N PRO A 1012 -20.35 -19.73 -49.95
CA PRO A 1012 -19.95 -20.74 -48.97
C PRO A 1012 -18.99 -21.81 -49.49
N TRP A 1013 -18.38 -21.60 -50.65
CA TRP A 1013 -17.49 -22.58 -51.24
C TRP A 1013 -16.03 -22.38 -50.87
N PHE A 1014 -15.72 -21.38 -50.05
CA PHE A 1014 -14.36 -21.14 -49.58
C PHE A 1014 -14.33 -21.36 -48.07
N LEU A 1015 -14.14 -22.62 -47.67
CA LEU A 1015 -14.03 -22.99 -46.27
C LEU A 1015 -12.90 -24.00 -46.08
N VAL A 1016 -11.78 -23.76 -46.74
CA VAL A 1016 -10.63 -24.65 -46.69
C VAL A 1016 -9.51 -24.07 -45.82
N ALA A 1017 -9.12 -22.82 -46.09
CA ALA A 1017 -8.04 -22.20 -45.34
C ALA A 1017 -8.40 -21.91 -43.89
N VAL A 1018 -9.68 -21.99 -43.54
CA VAL A 1018 -10.10 -21.66 -42.18
C VAL A 1018 -9.45 -22.59 -41.17
N GLY A 1019 -9.36 -23.88 -41.50
CA GLY A 1019 -8.76 -24.86 -40.63
C GLY A 1019 -7.30 -24.57 -40.32
N PRO A 1020 -6.47 -24.48 -41.36
CA PRO A 1020 -5.07 -24.10 -41.12
C PRO A 1020 -4.93 -22.77 -40.40
N LEU A 1021 -5.75 -21.77 -40.75
CA LEU A 1021 -5.66 -20.48 -40.08
C LEU A 1021 -5.90 -20.62 -38.59
N VAL A 1022 -7.01 -21.26 -38.21
CA VAL A 1022 -7.35 -21.36 -36.80
C VAL A 1022 -6.35 -22.22 -36.04
N ILE A 1023 -5.85 -23.29 -36.67
CA ILE A 1023 -4.92 -24.15 -35.94
C ILE A 1023 -3.58 -23.44 -35.73
N LEU A 1024 -3.09 -22.71 -36.74
CA LEU A 1024 -1.82 -22.02 -36.55
C LEU A 1024 -1.96 -20.87 -35.56
N PHE A 1025 -3.09 -20.15 -35.59
CA PHE A 1025 -3.31 -19.09 -34.62
C PHE A 1025 -3.39 -19.66 -33.21
N SER A 1026 -4.09 -20.78 -33.04
CA SER A 1026 -4.16 -21.41 -31.72
C SER A 1026 -2.79 -21.87 -31.26
N VAL A 1027 -1.97 -22.40 -32.19
CA VAL A 1027 -0.63 -22.83 -31.83
C VAL A 1027 0.19 -21.65 -31.33
N LEU A 1028 0.15 -20.53 -32.05
CA LEU A 1028 0.90 -19.35 -31.62
C LEU A 1028 0.41 -18.84 -30.27
N HIS A 1029 -0.91 -18.81 -30.09
CA HIS A 1029 -1.47 -18.33 -28.82
C HIS A 1029 -1.04 -19.22 -27.67
N ILE A 1030 -1.10 -20.55 -27.86
CA ILE A 1030 -0.71 -21.46 -26.78
C ILE A 1030 0.79 -21.43 -26.57
N VAL A 1031 1.55 -20.97 -27.56
CA VAL A 1031 2.99 -20.81 -27.37
C VAL A 1031 3.28 -19.60 -26.50
N SER A 1032 2.60 -18.48 -26.75
CA SER A 1032 2.96 -17.26 -26.03
C SER A 1032 2.28 -17.14 -24.67
N ARG A 1033 1.14 -17.82 -24.48
CA ARG A 1033 0.40 -17.65 -23.23
C ARG A 1033 1.17 -18.15 -22.02
N VAL A 1034 2.02 -19.17 -22.19
CA VAL A 1034 2.78 -19.70 -21.06
C VAL A 1034 3.75 -18.64 -20.54
N LEU A 1035 4.51 -18.03 -21.45
CA LEU A 1035 5.42 -16.97 -21.04
C LEU A 1035 4.67 -15.81 -20.41
N ILE A 1036 3.54 -15.41 -21.00
CA ILE A 1036 2.79 -14.27 -20.46
C ILE A 1036 2.35 -14.56 -19.02
N ARG A 1037 1.75 -15.73 -18.81
CA ARG A 1037 1.24 -16.07 -17.48
C ARG A 1037 2.36 -16.14 -16.45
N GLU A 1038 3.45 -16.86 -16.77
CA GLU A 1038 4.53 -17.00 -15.79
C GLU A 1038 5.16 -15.67 -15.46
N LEU A 1039 5.36 -14.82 -16.46
CA LEU A 1039 5.95 -13.51 -16.21
C LEU A 1039 5.05 -12.65 -15.34
N LYS A 1040 3.74 -12.68 -15.56
CA LYS A 1040 2.84 -11.91 -14.72
C LYS A 1040 2.85 -12.42 -13.28
N ARG A 1041 2.83 -13.74 -13.09
CA ARG A 1041 2.83 -14.27 -11.73
C ARG A 1041 4.11 -13.88 -11.00
N LEU A 1042 5.26 -13.99 -11.66
CA LEU A 1042 6.52 -13.62 -11.02
C LEU A 1042 6.59 -12.12 -10.77
N ASP A 1043 5.91 -11.33 -11.60
CA ASP A 1043 5.84 -9.90 -11.33
C ASP A 1043 5.04 -9.61 -10.08
N ASN A 1044 3.90 -10.29 -9.90
CA ASN A 1044 3.04 -9.98 -8.77
C ASN A 1044 3.58 -10.53 -7.46
N ILE A 1045 4.36 -11.63 -7.51
CA ILE A 1045 4.79 -12.28 -6.28
C ILE A 1045 5.68 -11.37 -5.45
N THR A 1046 6.61 -10.66 -6.08
CA THR A 1046 7.72 -10.02 -5.38
C THR A 1046 7.49 -8.56 -5.07
N GLN A 1047 6.26 -8.17 -4.71
CA GLN A 1047 5.99 -6.77 -4.41
C GLN A 1047 5.66 -6.54 -2.94
N SER A 1048 5.43 -7.60 -2.17
CA SER A 1048 5.01 -7.41 -0.78
C SER A 1048 6.14 -7.05 0.17
N PRO A 1049 7.36 -7.66 0.10
CA PRO A 1049 8.43 -7.25 1.01
C PRO A 1049 8.76 -5.77 0.93
N PHE A 1050 8.56 -5.19 -0.27
CA PHE A 1050 8.64 -3.75 -0.45
C PHE A 1050 7.81 -3.00 0.59
N LEU A 1051 6.50 -3.28 0.60
CA LEU A 1051 5.60 -2.63 1.54
C LEU A 1051 5.93 -2.99 2.98
N SER A 1052 6.32 -4.23 3.23
CA SER A 1052 6.68 -4.62 4.60
C SER A 1052 7.83 -3.76 5.12
N HIS A 1053 8.87 -3.58 4.31
CA HIS A 1053 10.02 -2.80 4.75
C HIS A 1053 9.64 -1.33 4.90
N ILE A 1054 8.89 -0.78 3.94
CA ILE A 1054 8.56 0.64 4.04
C ILE A 1054 7.66 0.91 5.24
N THR A 1055 6.85 -0.07 5.65
CA THR A 1055 6.04 0.09 6.86
C THR A 1055 6.90 -0.03 8.11
N SER A 1056 7.80 -1.01 8.15
CA SER A 1056 8.56 -1.28 9.36
C SER A 1056 9.76 -0.37 9.55
N SER A 1057 10.07 0.50 8.58
CA SER A 1057 11.21 1.40 8.71
C SER A 1057 10.79 2.86 8.92
N ILE A 1058 9.56 3.08 9.38
CA ILE A 1058 9.07 4.44 9.60
C ILE A 1058 8.96 4.70 11.09
N GLN A 1059 8.41 3.74 11.83
CA GLN A 1059 8.16 3.91 13.26
C GLN A 1059 9.42 4.12 14.08
N GLY A 1060 10.58 3.79 13.54
CA GLY A 1060 11.81 3.93 14.29
C GLY A 1060 12.70 5.04 13.80
N LEU A 1061 12.11 6.20 13.47
CA LEU A 1061 12.92 7.30 12.95
C LEU A 1061 13.91 7.81 13.98
N ALA A 1062 13.50 7.85 15.26
CA ALA A 1062 14.39 8.38 16.29
C ALA A 1062 15.64 7.53 16.45
N THR A 1063 15.46 6.22 16.65
CA THR A 1063 16.61 5.33 16.84
C THR A 1063 17.48 5.29 15.59
N ILE A 1064 16.87 5.22 14.41
CA ILE A 1064 17.63 5.18 13.17
C ILE A 1064 18.47 6.45 13.02
N HIS A 1065 17.87 7.60 13.31
CA HIS A 1065 18.64 8.84 13.24
C HIS A 1065 19.76 8.85 14.27
N ALA A 1066 19.50 8.33 15.47
CA ALA A 1066 20.51 8.34 16.52
C ALA A 1066 21.71 7.49 16.15
N TYR A 1067 21.48 6.29 15.60
CA TYR A 1067 22.57 5.41 15.23
C TYR A 1067 23.18 5.76 13.89
N ASN A 1068 22.59 6.70 13.14
CA ASN A 1068 23.08 7.12 11.84
C ASN A 1068 23.23 5.92 10.90
N LYS A 1069 22.16 5.12 10.83
CA LYS A 1069 22.16 3.89 10.05
C LYS A 1069 21.12 3.96 8.92
N GLY A 1070 21.07 5.08 8.21
CA GLY A 1070 20.19 5.17 7.05
C GLY A 1070 20.73 4.53 5.80
N GLN A 1071 22.06 4.44 5.66
CA GLN A 1071 22.65 3.95 4.42
C GLN A 1071 22.31 2.48 4.18
N GLU A 1072 22.35 1.65 5.22
CA GLU A 1072 22.04 0.24 5.05
C GLU A 1072 20.60 0.04 4.63
N PHE A 1073 19.68 0.76 5.27
CA PHE A 1073 18.27 0.65 4.90
C PHE A 1073 18.04 1.14 3.48
N LEU A 1074 18.70 2.23 3.09
CA LEU A 1074 18.55 2.72 1.73
C LEU A 1074 19.09 1.72 0.70
N HIS A 1075 20.22 1.08 1.00
CA HIS A 1075 20.76 0.10 0.06
C HIS A 1075 19.86 -1.12 -0.06
N ARG A 1076 19.30 -1.59 1.06
CA ARG A 1076 18.35 -2.69 0.97
C ARG A 1076 17.12 -2.29 0.18
N TYR A 1077 16.66 -1.05 0.37
CA TYR A 1077 15.53 -0.54 -0.41
C TYR A 1077 15.82 -0.55 -1.89
N GLN A 1078 17.01 -0.08 -2.29
CA GLN A 1078 17.34 -0.03 -3.71
C GLN A 1078 17.43 -1.43 -4.30
N GLU A 1079 18.05 -2.37 -3.58
CA GLU A 1079 18.14 -3.73 -4.08
C GLU A 1079 16.76 -4.36 -4.24
N LEU A 1080 15.87 -4.15 -3.27
CA LEU A 1080 14.53 -4.69 -3.38
C LEU A 1080 13.77 -4.06 -4.55
N LEU A 1081 13.93 -2.75 -4.74
CA LEU A 1081 13.27 -2.07 -5.85
C LEU A 1081 13.74 -2.63 -7.20
N ASP A 1082 15.04 -2.83 -7.36
CA ASP A 1082 15.55 -3.37 -8.62
C ASP A 1082 15.05 -4.79 -8.84
N ASP A 1083 15.04 -5.61 -7.78
CA ASP A 1083 14.54 -6.97 -7.94
C ASP A 1083 13.08 -6.98 -8.35
N ASN A 1084 12.28 -6.09 -7.78
CA ASN A 1084 10.86 -6.03 -8.16
C ASN A 1084 10.70 -5.53 -9.60
N GLN A 1085 11.51 -4.57 -10.01
CA GLN A 1085 11.41 -3.98 -11.34
C GLN A 1085 11.97 -4.86 -12.44
N ALA A 1086 12.75 -5.88 -12.09
CA ALA A 1086 13.35 -6.74 -13.13
C ALA A 1086 12.33 -7.36 -14.08
N PRO A 1087 11.27 -8.03 -13.62
CA PRO A 1087 10.36 -8.69 -14.57
C PRO A 1087 9.25 -7.80 -15.13
N PHE A 1088 9.38 -6.48 -15.06
CA PHE A 1088 8.33 -5.61 -15.60
C PHE A 1088 8.51 -5.39 -17.10
N PHE A 1089 9.74 -5.16 -17.55
CA PHE A 1089 10.01 -4.89 -18.96
C PHE A 1089 9.61 -6.06 -19.84
N LEU A 1090 9.97 -7.28 -19.43
CA LEU A 1090 9.73 -8.44 -20.27
C LEU A 1090 8.25 -8.73 -20.46
N PHE A 1091 7.42 -8.35 -19.49
CA PHE A 1091 5.98 -8.61 -19.61
C PHE A 1091 5.39 -7.90 -20.81
N THR A 1092 5.73 -6.63 -20.99
CA THR A 1092 5.26 -5.90 -22.16
C THR A 1092 6.02 -6.31 -23.43
N CYS A 1093 7.30 -6.63 -23.31
CA CYS A 1093 8.05 -7.05 -24.48
C CYS A 1093 7.47 -8.32 -25.09
N ALA A 1094 6.98 -9.24 -24.26
CA ALA A 1094 6.40 -10.47 -24.78
C ALA A 1094 5.17 -10.17 -25.63
N MET A 1095 4.31 -9.26 -25.17
CA MET A 1095 3.11 -8.94 -25.92
C MET A 1095 3.45 -8.24 -27.22
N ARG A 1096 4.43 -7.34 -27.19
CA ARG A 1096 4.86 -6.69 -28.43
C ARG A 1096 5.41 -7.71 -29.43
N TRP A 1097 6.19 -8.68 -28.94
CA TRP A 1097 6.72 -9.72 -29.80
C TRP A 1097 5.59 -10.53 -30.44
N LEU A 1098 4.56 -10.85 -29.64
CA LEU A 1098 3.42 -11.59 -30.19
C LEU A 1098 2.72 -10.77 -31.27
N ALA A 1099 2.55 -9.47 -31.04
CA ALA A 1099 1.91 -8.63 -32.05
C ALA A 1099 2.71 -8.60 -33.34
N VAL A 1100 4.04 -8.50 -33.23
CA VAL A 1100 4.87 -8.46 -34.44
C VAL A 1100 4.75 -9.77 -35.22
N ARG A 1101 4.81 -10.90 -34.52
CA ARG A 1101 4.68 -12.19 -35.21
C ARG A 1101 3.34 -12.30 -35.93
N LEU A 1102 2.25 -11.92 -35.25
CA LEU A 1102 0.94 -12.00 -35.88
C LEU A 1102 0.85 -11.11 -37.11
N ASP A 1103 1.36 -9.89 -37.00
CA ASP A 1103 1.32 -8.97 -38.14
C ASP A 1103 2.08 -9.53 -39.32
N LEU A 1104 3.27 -10.09 -39.08
CA LEU A 1104 4.07 -10.63 -40.17
C LEU A 1104 3.36 -11.81 -40.84
N ILE A 1105 2.76 -12.69 -40.03
CA ILE A 1105 2.07 -13.84 -40.62
C ILE A 1105 0.89 -13.38 -41.47
N SER A 1106 0.11 -12.41 -40.97
CA SER A 1106 -1.03 -11.93 -41.74
C SER A 1106 -0.60 -11.27 -43.03
N ILE A 1107 0.48 -10.48 -42.98
CA ILE A 1107 0.97 -9.82 -44.19
C ILE A 1107 1.43 -10.85 -45.22
N ALA A 1108 2.14 -11.89 -44.77
CA ALA A 1108 2.57 -12.92 -45.70
C ALA A 1108 1.39 -13.65 -46.33
N LEU A 1109 0.37 -13.96 -45.51
CA LEU A 1109 -0.79 -14.68 -46.06
C LEU A 1109 -1.54 -13.82 -47.07
N ILE A 1110 -1.74 -12.54 -46.77
CA ILE A 1110 -2.47 -11.69 -47.72
C ILE A 1110 -1.65 -11.48 -48.98
N THR A 1111 -0.32 -11.39 -48.85
CA THR A 1111 0.54 -11.31 -50.03
C THR A 1111 0.39 -12.55 -50.91
N THR A 1112 0.40 -13.73 -50.30
CA THR A 1112 0.25 -14.96 -51.06
C THR A 1112 -1.10 -15.02 -51.75
N THR A 1113 -2.17 -14.63 -51.04
CA THR A 1113 -3.50 -14.65 -51.65
C THR A 1113 -3.59 -13.67 -52.81
N GLY A 1114 -3.03 -12.47 -52.65
CA GLY A 1114 -3.02 -11.51 -53.74
C GLY A 1114 -2.22 -11.99 -54.92
N LEU A 1115 -1.06 -12.61 -54.67
CA LEU A 1115 -0.26 -13.15 -55.76
C LEU A 1115 -1.02 -14.23 -56.50
N MET A 1116 -1.71 -15.08 -55.76
CA MET A 1116 -2.62 -16.05 -56.34
C MET A 1116 -3.55 -15.36 -57.31
N ILE A 1117 -4.18 -14.29 -56.84
CA ILE A 1117 -5.04 -13.50 -57.70
C ILE A 1117 -4.25 -13.08 -58.93
N VAL A 1118 -3.10 -12.47 -58.71
CA VAL A 1118 -2.27 -12.01 -59.82
C VAL A 1118 -2.18 -13.10 -60.88
N LEU A 1119 -1.60 -14.24 -60.51
CA LEU A 1119 -1.43 -15.31 -61.49
C LEU A 1119 -2.78 -15.74 -62.06
N MET A 1120 -3.73 -16.01 -61.16
CA MET A 1120 -5.05 -16.45 -61.62
C MET A 1120 -5.88 -15.26 -62.05
N HIS A 1121 -5.45 -14.58 -63.10
CA HIS A 1121 -6.20 -13.42 -63.60
C HIS A 1121 -6.67 -13.63 -65.03
N GLY A 1122 -6.31 -14.74 -65.65
CA GLY A 1122 -6.80 -15.00 -67.00
C GLY A 1122 -8.09 -15.79 -67.04
N GLN A 1123 -8.20 -16.84 -66.23
CA GLN A 1123 -9.32 -17.76 -66.29
C GLN A 1123 -10.18 -17.73 -65.03
N ILE A 1124 -10.15 -16.63 -64.29
CA ILE A 1124 -10.97 -16.46 -63.09
C ILE A 1124 -11.84 -15.21 -63.30
N PRO A 1125 -13.15 -15.34 -63.26
CA PRO A 1125 -14.00 -14.16 -63.44
C PRO A 1125 -13.81 -13.20 -62.29
N PRO A 1126 -13.92 -11.89 -62.54
CA PRO A 1126 -13.76 -10.91 -61.46
C PRO A 1126 -14.98 -10.73 -60.58
N ALA A 1127 -16.14 -11.24 -60.99
CA ALA A 1127 -17.36 -11.07 -60.21
C ALA A 1127 -17.24 -11.73 -58.84
N TYR A 1128 -16.68 -12.92 -58.78
CA TYR A 1128 -16.51 -13.66 -57.53
C TYR A 1128 -15.17 -13.38 -56.86
N ALA A 1129 -14.35 -12.49 -57.41
CA ALA A 1129 -13.05 -12.17 -56.85
C ALA A 1129 -12.89 -10.71 -56.45
N GLY A 1130 -13.84 -9.84 -56.81
CA GLY A 1130 -13.70 -8.44 -56.45
C GLY A 1130 -13.74 -8.19 -54.96
N LEU A 1131 -14.53 -8.96 -54.24
CA LEU A 1131 -14.67 -8.82 -52.80
C LEU A 1131 -13.63 -9.61 -52.02
N ALA A 1132 -12.74 -10.35 -52.71
CA ALA A 1132 -11.80 -11.21 -52.03
C ALA A 1132 -10.88 -10.43 -51.10
N ILE A 1133 -10.22 -9.39 -51.64
CA ILE A 1133 -9.31 -8.60 -50.82
C ILE A 1133 -10.07 -7.83 -49.74
N SER A 1134 -11.28 -7.40 -50.07
CA SER A 1134 -12.10 -6.70 -49.09
C SER A 1134 -12.28 -7.52 -47.82
N TYR A 1135 -13.20 -8.48 -47.86
CA TYR A 1135 -13.48 -9.28 -46.66
C TYR A 1135 -12.19 -9.79 -46.01
N ALA A 1136 -11.19 -10.10 -46.82
CA ALA A 1136 -9.94 -10.61 -46.28
C ALA A 1136 -9.37 -9.65 -45.25
N VAL A 1137 -8.97 -8.46 -45.70
CA VAL A 1137 -8.34 -7.51 -44.78
C VAL A 1137 -9.11 -7.36 -43.47
N GLN A 1138 -10.42 -7.41 -43.54
CA GLN A 1138 -11.22 -7.31 -42.31
C GLN A 1138 -10.94 -8.54 -41.47
N LEU A 1139 -11.26 -9.70 -42.01
CA LEU A 1139 -11.01 -10.94 -41.30
C LEU A 1139 -9.65 -10.91 -40.64
N THR A 1140 -8.61 -10.66 -41.43
CA THR A 1140 -7.27 -10.61 -40.89
C THR A 1140 -7.20 -9.66 -39.71
N GLY A 1141 -7.48 -8.38 -39.96
CA GLY A 1141 -7.45 -7.40 -38.89
C GLY A 1141 -8.22 -7.85 -37.66
N LEU A 1142 -9.39 -8.46 -37.86
CA LEU A 1142 -10.18 -8.92 -36.72
C LEU A 1142 -9.46 -10.02 -35.96
N PHE A 1143 -8.85 -10.98 -36.66
CA PHE A 1143 -8.12 -12.02 -35.95
C PHE A 1143 -6.91 -11.44 -35.22
N GLN A 1144 -6.21 -10.49 -35.86
CA GLN A 1144 -5.06 -9.86 -35.24
C GLN A 1144 -5.42 -9.15 -33.94
N PHE A 1145 -6.55 -8.45 -33.93
CA PHE A 1145 -7.01 -7.81 -32.70
C PHE A 1145 -7.49 -8.84 -31.67
N THR A 1146 -8.14 -9.91 -32.13
CA THR A 1146 -8.70 -10.90 -31.22
C THR A 1146 -7.62 -11.58 -30.39
N VAL A 1147 -6.53 -12.01 -31.03
CA VAL A 1147 -5.50 -12.73 -30.28
C VAL A 1147 -4.89 -11.83 -29.21
N ARG A 1148 -4.58 -10.58 -29.57
CA ARG A 1148 -3.98 -9.67 -28.61
C ARG A 1148 -4.91 -9.39 -27.45
N LEU A 1149 -6.20 -9.16 -27.73
CA LEU A 1149 -7.13 -8.87 -26.64
C LEU A 1149 -7.28 -10.07 -25.71
N ALA A 1150 -7.32 -11.29 -26.27
CA ALA A 1150 -7.44 -12.48 -25.44
C ALA A 1150 -6.23 -12.61 -24.52
N SER A 1151 -5.03 -12.41 -25.06
CA SER A 1151 -3.84 -12.47 -24.20
C SER A 1151 -3.87 -11.39 -23.14
N GLU A 1152 -4.30 -10.17 -23.49
CA GLU A 1152 -4.35 -9.08 -22.52
C GLU A 1152 -5.25 -9.42 -21.35
N THR A 1153 -6.48 -9.88 -21.64
CA THR A 1153 -7.41 -10.16 -20.57
C THR A 1153 -6.98 -11.36 -19.74
N GLU A 1154 -6.39 -12.39 -20.37
CA GLU A 1154 -5.89 -13.53 -19.60
C GLU A 1154 -4.78 -13.10 -18.66
N ALA A 1155 -3.90 -12.20 -19.11
CA ALA A 1155 -2.86 -11.70 -18.22
C ALA A 1155 -3.45 -10.88 -17.08
N ARG A 1156 -4.38 -9.98 -17.37
CA ARG A 1156 -4.87 -9.04 -16.38
C ARG A 1156 -5.82 -9.64 -15.37
N PHE A 1157 -6.43 -10.79 -15.66
CA PHE A 1157 -7.44 -11.34 -14.77
C PHE A 1157 -6.86 -12.16 -13.63
N THR A 1158 -5.61 -11.92 -13.24
CA THR A 1158 -5.01 -12.65 -12.12
C THR A 1158 -5.18 -11.94 -10.78
N SER A 1159 -5.52 -10.65 -10.78
CA SER A 1159 -5.68 -9.94 -9.52
C SER A 1159 -6.87 -10.47 -8.73
N VAL A 1160 -7.96 -10.81 -9.42
CA VAL A 1160 -9.12 -11.36 -8.73
C VAL A 1160 -8.77 -12.69 -8.09
N GLU A 1161 -7.98 -13.53 -8.79
CA GLU A 1161 -7.52 -14.78 -8.20
C GLU A 1161 -6.63 -14.52 -6.99
N ARG A 1162 -5.77 -13.51 -7.08
CA ARG A 1162 -4.90 -13.18 -5.95
C ARG A 1162 -5.71 -12.77 -4.73
N ILE A 1163 -6.76 -11.98 -4.93
CA ILE A 1163 -7.64 -11.63 -3.81
C ILE A 1163 -8.37 -12.86 -3.31
N ASN A 1164 -8.76 -13.75 -4.21
CA ASN A 1164 -9.42 -14.99 -3.83
C ASN A 1164 -8.48 -15.98 -3.15
N HIS A 1165 -7.18 -15.71 -3.15
CA HIS A 1165 -6.24 -16.55 -2.41
C HIS A 1165 -6.53 -16.57 -0.92
N TYR A 1166 -7.24 -15.57 -0.41
CA TYR A 1166 -7.64 -15.50 0.99
C TYR A 1166 -9.08 -15.97 1.20
N ILE A 1167 -9.50 -17.00 0.46
CA ILE A 1167 -10.81 -17.61 0.60
C ILE A 1167 -10.85 -18.37 1.92
N LYS A 1168 -12.04 -18.88 2.28
CA LYS A 1168 -12.30 -19.47 3.59
C LYS A 1168 -11.31 -20.59 3.95
N THR A 1169 -10.45 -21.02 3.02
CA THR A 1169 -9.38 -21.93 3.37
C THR A 1169 -8.47 -21.36 4.46
N LEU A 1170 -8.36 -20.04 4.56
CA LEU A 1170 -7.61 -19.42 5.63
C LEU A 1170 -8.31 -19.65 6.96
N SER A 1171 -7.52 -19.61 8.04
CA SER A 1171 -8.06 -19.84 9.37
C SER A 1171 -9.00 -18.72 9.79
N LEU A 1172 -9.93 -18.94 10.70
CA LEU A 1172 -10.88 -17.92 11.10
C LEU A 1172 -10.76 -17.70 12.56
N GLU A 1173 -11.03 -16.49 13.05
CA GLU A 1173 -10.99 -16.24 14.52
C GLU A 1173 -12.03 -17.09 15.31
N ALA A 1174 -12.58 -16.54 16.38
CA ALA A 1174 -13.52 -17.33 17.12
C ALA A 1174 -14.92 -16.74 17.07
N PRO A 1175 -15.96 -17.56 17.20
CA PRO A 1175 -17.35 -17.10 17.03
C PRO A 1175 -17.82 -16.09 18.01
N ALA A 1176 -17.80 -14.82 17.63
CA ALA A 1176 -18.29 -13.77 18.50
C ALA A 1176 -19.28 -14.38 19.52
N ARG A 1177 -20.47 -14.78 19.05
CA ARG A 1177 -21.38 -15.46 19.93
C ARG A 1177 -21.74 -16.72 19.28
N ILE A 1178 -22.93 -17.13 19.64
CA ILE A 1178 -23.56 -18.40 19.33
C ILE A 1178 -25.07 -18.25 19.18
N LYS A 1179 -25.68 -17.41 20.01
CA LYS A 1179 -27.12 -17.12 19.98
C LYS A 1179 -27.97 -18.36 20.21
N ASN A 1180 -27.39 -19.42 20.78
CA ASN A 1180 -28.11 -20.65 21.05
C ASN A 1180 -28.17 -20.99 22.53
N LYS A 1181 -27.03 -20.91 23.22
CA LYS A 1181 -26.98 -21.26 24.63
C LYS A 1181 -26.41 -20.11 25.46
N ALA A 1182 -26.90 -18.90 25.20
CA ALA A 1182 -26.43 -17.74 25.95
C ALA A 1182 -26.84 -17.87 27.42
N PRO A 1183 -26.00 -17.43 28.35
CA PRO A 1183 -26.32 -17.53 29.77
C PRO A 1183 -27.36 -16.50 30.19
N SER A 1184 -27.88 -16.69 31.40
CA SER A 1184 -28.84 -15.75 31.96
C SER A 1184 -28.19 -14.39 32.18
N PRO A 1185 -28.95 -13.30 32.06
CA PRO A 1185 -28.37 -11.97 32.27
C PRO A 1185 -27.85 -11.75 33.68
N ASP A 1186 -28.30 -12.54 34.67
CA ASP A 1186 -27.84 -12.41 36.03
C ASP A 1186 -26.64 -13.31 36.33
N TRP A 1187 -25.89 -13.71 35.30
CA TRP A 1187 -24.72 -14.56 35.51
C TRP A 1187 -23.62 -13.88 36.34
N PRO A 1188 -23.19 -12.63 36.05
CA PRO A 1188 -22.08 -12.06 36.83
C PRO A 1188 -22.47 -11.68 38.25
N GLN A 1189 -22.53 -12.66 39.14
CA GLN A 1189 -22.89 -12.44 40.54
C GLN A 1189 -21.71 -12.66 41.48
N GLU A 1190 -20.96 -13.75 41.29
CA GLU A 1190 -19.84 -14.09 42.15
C GLU A 1190 -18.56 -14.17 41.33
N GLY A 1191 -17.45 -13.81 41.96
CA GLY A 1191 -16.16 -13.83 41.29
C GLY A 1191 -15.32 -15.04 41.62
N GLU A 1192 -15.96 -16.21 41.71
CA GLU A 1192 -15.23 -17.44 42.01
C GLU A 1192 -14.42 -17.88 40.79
N VAL A 1193 -13.13 -18.11 40.99
CA VAL A 1193 -12.22 -18.55 39.93
C VAL A 1193 -11.50 -19.80 40.43
N THR A 1194 -11.50 -20.85 39.61
CA THR A 1194 -10.91 -22.14 39.97
C THR A 1194 -9.98 -22.59 38.84
N PHE A 1195 -8.71 -22.19 38.93
CA PHE A 1195 -7.73 -22.61 37.94
C PHE A 1195 -7.32 -24.05 38.17
N GLU A 1196 -7.06 -24.77 37.08
CA GLU A 1196 -6.71 -26.18 37.17
C GLU A 1196 -5.89 -26.58 35.95
N ASN A 1197 -4.57 -26.74 36.13
CA ASN A 1197 -3.68 -27.29 35.11
C ASN A 1197 -3.75 -26.49 33.81
N ALA A 1198 -3.32 -25.24 33.89
CA ALA A 1198 -3.28 -24.35 32.74
C ALA A 1198 -1.87 -24.35 32.16
N GLU A 1199 -1.67 -25.16 31.12
CA GLU A 1199 -0.39 -25.24 30.42
C GLU A 1199 -0.59 -24.77 28.99
N MET A 1200 0.25 -23.85 28.55
CA MET A 1200 0.13 -23.21 27.24
C MET A 1200 1.44 -23.33 26.48
N ARG A 1201 1.34 -23.15 25.17
CA ARG A 1201 2.51 -23.14 24.30
C ARG A 1201 2.71 -21.84 23.56
N TYR A 1202 1.64 -21.12 23.25
CA TYR A 1202 1.67 -19.78 22.64
C TYR A 1202 2.10 -19.82 21.19
N ARG A 1203 2.59 -20.96 20.70
CA ARG A 1203 2.97 -21.07 19.30
C ARG A 1203 2.66 -22.42 18.67
N GLU A 1204 2.16 -23.39 19.42
CA GLU A 1204 1.90 -24.77 19.02
C GLU A 1204 3.18 -25.56 18.72
N ASN A 1205 4.35 -24.93 18.81
CA ASN A 1205 5.61 -25.62 18.60
C ASN A 1205 6.59 -25.32 19.73
N LEU A 1206 6.47 -24.13 20.31
CA LEU A 1206 7.36 -23.71 21.37
C LEU A 1206 7.13 -24.57 22.61
N PRO A 1207 8.14 -24.74 23.46
CA PRO A 1207 7.94 -25.49 24.70
C PRO A 1207 7.09 -24.71 25.68
N LEU A 1208 6.60 -25.42 26.70
CA LEU A 1208 5.67 -24.85 27.66
C LEU A 1208 6.31 -23.68 28.39
N VAL A 1209 5.52 -22.62 28.59
CA VAL A 1209 5.98 -21.42 29.29
C VAL A 1209 5.50 -21.39 30.73
N LEU A 1210 4.28 -21.85 30.97
CA LEU A 1210 3.76 -22.05 32.32
C LEU A 1210 3.25 -23.48 32.45
N LYS A 1211 3.51 -24.10 33.61
CA LYS A 1211 3.21 -25.51 33.81
C LYS A 1211 2.58 -25.72 35.17
N LYS A 1212 1.56 -26.58 35.21
CA LYS A 1212 0.91 -27.02 36.45
C LYS A 1212 0.45 -25.83 37.29
N VAL A 1213 -0.48 -25.06 36.72
CA VAL A 1213 -1.03 -23.89 37.37
C VAL A 1213 -2.46 -24.23 37.80
N SER A 1214 -2.71 -24.18 39.10
CA SER A 1214 -4.02 -24.49 39.65
C SER A 1214 -4.27 -23.59 40.85
N PHE A 1215 -5.36 -22.82 40.81
CA PHE A 1215 -5.70 -21.89 41.87
C PHE A 1215 -7.18 -22.02 42.22
N THR A 1216 -7.52 -21.58 43.42
CA THR A 1216 -8.90 -21.53 43.89
C THR A 1216 -9.08 -20.22 44.66
N ILE A 1217 -9.72 -19.24 44.04
CA ILE A 1217 -9.89 -17.92 44.63
C ILE A 1217 -11.35 -17.78 45.06
N LYS A 1218 -11.55 -17.52 46.35
CA LYS A 1218 -12.89 -17.29 46.87
C LYS A 1218 -13.37 -15.90 46.47
N PRO A 1219 -14.68 -15.70 46.38
CA PRO A 1219 -15.20 -14.37 46.02
C PRO A 1219 -14.82 -13.32 47.04
N LYS A 1220 -14.68 -12.08 46.56
CA LYS A 1220 -14.30 -10.94 47.39
C LYS A 1220 -12.93 -11.15 48.04
N GLU A 1221 -11.93 -11.31 47.18
CA GLU A 1221 -10.55 -11.50 47.61
C GLU A 1221 -9.63 -10.60 46.80
N LYS A 1222 -8.52 -10.19 47.41
CA LYS A 1222 -7.54 -9.33 46.79
C LYS A 1222 -6.18 -10.01 46.80
N ILE A 1223 -5.54 -10.10 45.63
CA ILE A 1223 -4.26 -10.78 45.48
C ILE A 1223 -3.31 -9.88 44.71
N GLY A 1224 -2.10 -9.71 45.23
CA GLY A 1224 -1.08 -8.90 44.60
C GLY A 1224 -0.09 -9.75 43.83
N ILE A 1225 0.42 -9.19 42.73
CA ILE A 1225 1.32 -9.89 41.83
C ILE A 1225 2.71 -9.26 41.92
N VAL A 1226 3.71 -10.09 42.19
CA VAL A 1226 5.11 -9.65 42.21
C VAL A 1226 5.99 -10.88 42.04
N GLY A 1227 7.12 -10.69 41.38
CA GLY A 1227 8.02 -11.82 41.16
C GLY A 1227 9.23 -11.42 40.35
N ARG A 1228 10.01 -12.43 39.99
CA ARG A 1228 11.22 -12.28 39.19
C ARG A 1228 10.86 -11.94 37.75
N THR A 1229 11.75 -11.20 37.08
CA THR A 1229 11.56 -10.86 35.68
C THR A 1229 11.68 -12.13 34.83
N GLY A 1230 11.52 -11.98 33.51
CA GLY A 1230 11.36 -13.17 32.71
C GLY A 1230 10.14 -13.92 33.20
N SER A 1231 10.28 -15.25 33.32
CA SER A 1231 9.25 -16.10 33.91
C SER A 1231 7.87 -15.71 33.41
N GLY A 1232 6.89 -15.67 34.31
CA GLY A 1232 5.57 -15.15 33.99
C GLY A 1232 5.16 -14.04 34.94
N LYS A 1233 5.13 -12.81 34.41
CA LYS A 1233 4.33 -11.74 34.99
C LYS A 1233 4.17 -10.62 33.95
N SER A 1234 2.96 -10.43 33.42
CA SER A 1234 1.69 -11.14 33.61
C SER A 1234 1.74 -12.64 33.36
N SER A 1235 1.47 -13.41 34.41
CA SER A 1235 1.42 -14.86 34.31
C SER A 1235 0.02 -15.42 34.23
N LEU A 1236 -0.94 -14.85 34.96
CA LEU A 1236 -2.29 -15.37 35.01
C LEU A 1236 -3.18 -14.86 33.89
N GLY A 1237 -2.64 -14.04 33.00
CA GLY A 1237 -3.37 -13.68 31.80
C GLY A 1237 -3.61 -14.88 30.91
N MET A 1238 -4.51 -14.71 29.95
CA MET A 1238 -4.98 -15.78 29.09
C MET A 1238 -5.63 -16.89 29.90
N ALA A 1239 -6.19 -17.89 29.21
CA ALA A 1239 -7.00 -18.96 29.80
C ALA A 1239 -8.31 -18.40 30.35
N LEU A 1240 -8.43 -17.07 30.33
CA LEU A 1240 -9.67 -16.36 30.57
C LEU A 1240 -9.74 -15.26 29.54
N PHE A 1241 -10.98 -14.88 29.16
CA PHE A 1241 -11.25 -14.15 27.93
C PHE A 1241 -10.35 -14.68 26.82
N ARG A 1242 -10.17 -16.00 26.80
CA ARG A 1242 -9.03 -16.60 26.14
C ARG A 1242 -9.24 -16.75 24.65
N LEU A 1243 -8.18 -16.47 23.89
CA LEU A 1243 -8.05 -16.90 22.50
C LEU A 1243 -6.67 -17.55 22.40
N VAL A 1244 -6.60 -18.82 22.79
CA VAL A 1244 -5.33 -19.53 22.84
C VAL A 1244 -5.48 -20.94 22.28
N GLU A 1245 -6.72 -21.35 22.01
CA GLU A 1245 -7.04 -22.73 21.63
C GLU A 1245 -6.55 -23.71 22.69
N LEU A 1246 -7.18 -23.61 23.85
CA LEU A 1246 -6.81 -24.43 25.01
C LEU A 1246 -6.86 -25.91 24.66
N SER A 1247 -5.80 -26.63 25.05
CA SER A 1247 -5.68 -28.06 24.82
C SER A 1247 -5.88 -28.90 26.06
N GLY A 1248 -5.35 -28.46 27.20
CA GLY A 1248 -5.52 -29.19 28.44
C GLY A 1248 -5.93 -28.25 29.55
N GLY A 1249 -6.78 -28.75 30.43
CA GLY A 1249 -7.28 -27.98 31.55
C GLY A 1249 -8.51 -27.17 31.20
N CYS A 1250 -9.25 -26.78 32.25
CA CYS A 1250 -10.46 -26.00 32.07
C CYS A 1250 -10.75 -25.25 33.36
N ILE A 1251 -11.34 -24.07 33.23
CA ILE A 1251 -11.73 -23.26 34.38
C ILE A 1251 -13.17 -22.82 34.21
N LYS A 1252 -13.79 -22.45 35.33
CA LYS A 1252 -15.18 -21.99 35.34
C LYS A 1252 -15.30 -20.74 36.19
N ILE A 1253 -16.22 -19.86 35.80
CA ILE A 1253 -16.48 -18.62 36.51
C ILE A 1253 -17.88 -18.70 37.09
N ASP A 1254 -17.98 -18.54 38.41
CA ASP A 1254 -19.26 -18.59 39.12
C ASP A 1254 -19.99 -19.90 38.84
N GLY A 1255 -19.22 -20.99 38.75
CA GLY A 1255 -19.78 -22.29 38.48
C GLY A 1255 -20.19 -22.53 37.04
N VAL A 1256 -19.84 -21.63 36.13
CA VAL A 1256 -20.18 -21.75 34.71
C VAL A 1256 -18.88 -21.81 33.92
N ARG A 1257 -18.78 -22.80 33.03
CA ARG A 1257 -17.57 -22.99 32.25
C ARG A 1257 -17.32 -21.82 31.31
N ILE A 1258 -16.09 -21.72 30.82
CA ILE A 1258 -15.71 -20.65 29.92
C ILE A 1258 -15.66 -21.08 28.46
N SER A 1259 -15.44 -22.37 28.19
CA SER A 1259 -15.34 -22.82 26.80
C SER A 1259 -16.69 -22.86 26.12
N ASP A 1260 -17.73 -23.33 26.81
CA ASP A 1260 -19.04 -23.49 26.19
C ASP A 1260 -19.69 -22.15 25.89
N ILE A 1261 -19.55 -21.18 26.81
CA ILE A 1261 -20.20 -19.89 26.64
C ILE A 1261 -19.56 -19.13 25.48
N GLY A 1262 -20.36 -18.31 24.80
CA GLY A 1262 -19.89 -17.52 23.69
C GLY A 1262 -18.90 -16.46 24.11
N LEU A 1263 -18.27 -15.80 23.14
CA LEU A 1263 -17.20 -14.84 23.43
C LEU A 1263 -17.69 -13.40 23.48
N ALA A 1264 -18.63 -13.02 22.62
CA ALA A 1264 -19.06 -11.63 22.56
C ALA A 1264 -19.67 -11.18 23.88
N ASP A 1265 -20.55 -12.00 24.45
CA ASP A 1265 -21.17 -11.63 25.73
C ASP A 1265 -20.17 -11.73 26.88
N LEU A 1266 -19.32 -12.76 26.85
CA LEU A 1266 -18.38 -13.00 27.95
C LEU A 1266 -17.32 -11.92 28.06
N ARG A 1267 -16.87 -11.36 26.93
CA ARG A 1267 -15.78 -10.40 26.98
C ARG A 1267 -16.21 -9.11 27.68
N SER A 1268 -17.49 -8.75 27.59
CA SER A 1268 -17.96 -7.52 28.21
C SER A 1268 -18.20 -7.65 29.70
N LYS A 1269 -18.17 -8.86 30.26
CA LYS A 1269 -18.45 -9.04 31.67
C LYS A 1269 -17.35 -8.47 32.55
N LEU A 1270 -16.10 -8.56 32.09
CA LEU A 1270 -14.95 -8.14 32.88
C LEU A 1270 -14.10 -7.17 32.06
N SER A 1271 -13.28 -6.39 32.76
CA SER A 1271 -12.49 -5.35 32.15
C SER A 1271 -11.05 -5.43 32.63
N ILE A 1272 -10.14 -5.06 31.73
CA ILE A 1272 -8.70 -5.11 31.97
C ILE A 1272 -8.09 -3.76 31.61
N ILE A 1273 -7.15 -3.30 32.42
CA ILE A 1273 -6.34 -2.13 32.10
C ILE A 1273 -5.00 -2.62 31.56
N PRO A 1274 -4.71 -2.44 30.27
CA PRO A 1274 -3.44 -2.91 29.73
C PRO A 1274 -2.27 -2.11 30.27
N GLN A 1275 -1.11 -2.78 30.34
CA GLN A 1275 0.10 -2.10 30.81
C GLN A 1275 0.54 -1.00 29.85
N GLU A 1276 0.49 -1.28 28.56
CA GLU A 1276 0.88 -0.29 27.56
C GLU A 1276 -0.33 0.52 27.14
N PRO A 1277 -0.31 1.84 27.32
CA PRO A 1277 -1.49 2.63 26.94
C PRO A 1277 -1.74 2.57 25.45
N VAL A 1278 -3.01 2.54 25.08
CA VAL A 1278 -3.45 2.55 23.69
C VAL A 1278 -4.44 3.68 23.51
N LEU A 1279 -4.23 4.50 22.48
CA LEU A 1279 -5.07 5.66 22.24
C LEU A 1279 -5.22 5.85 20.74
N PHE A 1280 -6.42 5.56 20.23
CA PHE A 1280 -6.68 5.65 18.80
C PHE A 1280 -6.86 7.10 18.36
N SER A 1281 -7.09 7.29 17.08
CA SER A 1281 -7.32 8.62 16.53
C SER A 1281 -8.78 9.03 16.74
N GLY A 1282 -9.11 10.22 16.25
CA GLY A 1282 -10.44 10.75 16.42
C GLY A 1282 -10.55 11.63 17.64
N THR A 1283 -11.08 11.09 18.73
CA THR A 1283 -11.19 11.82 19.98
C THR A 1283 -11.25 10.85 21.14
N VAL A 1284 -11.02 11.39 22.34
CA VAL A 1284 -11.05 10.57 23.55
C VAL A 1284 -12.46 10.07 23.83
N ARG A 1285 -13.48 10.85 23.47
CA ARG A 1285 -14.86 10.46 23.73
C ARG A 1285 -15.19 9.12 23.05
N SER A 1286 -14.87 8.98 21.76
CA SER A 1286 -15.26 7.78 21.03
C SER A 1286 -14.73 6.53 21.71
N ASN A 1287 -13.49 6.58 22.22
CA ASN A 1287 -13.00 5.50 23.06
C ASN A 1287 -13.81 5.39 24.34
N LEU A 1288 -14.18 6.54 24.94
CA LEU A 1288 -14.90 6.51 26.21
C LEU A 1288 -16.26 5.82 26.07
N ASP A 1289 -16.99 6.12 25.00
CA ASP A 1289 -18.28 5.45 24.76
C ASP A 1289 -18.27 4.77 23.40
N PRO A 1290 -18.16 3.44 23.36
CA PRO A 1290 -18.25 2.74 22.06
C PRO A 1290 -19.57 2.94 21.37
N PHE A 1291 -20.66 3.16 22.11
CA PHE A 1291 -22.00 3.23 21.54
C PHE A 1291 -22.84 4.35 22.14
N ASN A 1292 -22.21 5.29 22.86
CA ASN A 1292 -22.91 6.41 23.48
C ASN A 1292 -24.00 5.92 24.44
N GLN A 1293 -23.57 5.24 25.49
CA GLN A 1293 -24.48 4.71 26.50
C GLN A 1293 -24.30 5.40 27.86
N TYR A 1294 -23.62 6.55 27.90
CA TYR A 1294 -23.39 7.26 29.15
C TYR A 1294 -23.68 8.74 28.94
N THR A 1295 -24.09 9.41 30.02
CA THR A 1295 -24.44 10.82 29.96
C THR A 1295 -23.18 11.68 30.02
N GLU A 1296 -23.39 12.99 30.24
CA GLU A 1296 -22.29 13.95 30.15
C GLU A 1296 -21.64 14.27 31.48
N ASP A 1297 -22.38 14.21 32.58
CA ASP A 1297 -21.80 14.57 33.87
C ASP A 1297 -20.94 13.46 34.45
N GLN A 1298 -21.29 12.20 34.20
CA GLN A 1298 -20.56 11.09 34.81
C GLN A 1298 -19.12 11.05 34.32
N ILE A 1299 -18.89 11.32 33.04
CA ILE A 1299 -17.53 11.30 32.52
C ILE A 1299 -16.70 12.42 33.13
N TRP A 1300 -17.31 13.61 33.31
CA TRP A 1300 -16.59 14.71 33.95
C TRP A 1300 -16.26 14.38 35.39
N ASP A 1301 -17.20 13.77 36.12
CA ASP A 1301 -16.91 13.37 37.50
C ASP A 1301 -15.78 12.34 37.55
N ALA A 1302 -15.81 11.37 36.63
CA ALA A 1302 -14.77 10.35 36.61
C ALA A 1302 -13.40 10.97 36.34
N LEU A 1303 -13.33 11.92 35.40
CA LEU A 1303 -12.05 12.56 35.12
C LEU A 1303 -11.60 13.43 36.28
N GLU A 1304 -12.54 14.05 36.99
CA GLU A 1304 -12.17 14.92 38.10
C GLU A 1304 -11.69 14.12 39.30
N ARG A 1305 -12.26 12.94 39.53
CA ARG A 1305 -11.96 12.19 40.74
C ARG A 1305 -10.51 11.73 40.82
N THR A 1306 -9.81 11.62 39.69
CA THR A 1306 -8.46 11.08 39.65
C THR A 1306 -7.42 12.22 39.50
N HIS A 1307 -7.82 13.45 39.84
CA HIS A 1307 -6.92 14.61 39.88
C HIS A 1307 -6.45 15.04 38.49
N MET A 1308 -7.41 15.27 37.59
CA MET A 1308 -7.18 15.98 36.33
C MET A 1308 -8.17 17.13 36.18
N LYS A 1309 -8.30 17.94 37.23
CA LYS A 1309 -9.13 19.14 37.13
C LYS A 1309 -8.55 20.12 36.12
N GLU A 1310 -7.25 20.33 36.14
CA GLU A 1310 -6.61 21.26 35.24
C GLU A 1310 -6.00 20.60 34.01
N CYS A 1311 -6.04 19.27 33.92
CA CYS A 1311 -5.43 18.57 32.80
C CYS A 1311 -6.33 18.51 31.58
N ILE A 1312 -7.60 18.92 31.69
CA ILE A 1312 -8.52 18.94 30.57
C ILE A 1312 -9.02 20.34 30.28
N ALA A 1313 -9.33 21.13 31.31
CA ALA A 1313 -9.78 22.49 31.12
C ALA A 1313 -8.70 23.41 30.58
N GLN A 1314 -7.43 22.96 30.56
CA GLN A 1314 -6.37 23.77 29.98
C GLN A 1314 -6.54 23.95 28.47
N LEU A 1315 -7.30 23.08 27.81
CA LEU A 1315 -7.55 23.16 26.39
C LEU A 1315 -8.97 23.64 26.11
N PRO A 1316 -9.20 24.34 25.01
CA PRO A 1316 -10.57 24.73 24.67
C PRO A 1316 -11.52 23.56 24.50
N LEU A 1317 -11.05 22.44 23.94
CA LEU A 1317 -11.88 21.25 23.82
C LEU A 1317 -11.96 20.56 25.16
N LYS A 1318 -13.17 20.16 25.56
CA LYS A 1318 -13.36 19.49 26.84
C LYS A 1318 -13.41 17.97 26.68
N LEU A 1319 -14.33 17.49 25.85
CA LEU A 1319 -14.45 16.06 25.59
C LEU A 1319 -14.20 15.71 24.12
N GLU A 1320 -13.85 16.68 23.29
CA GLU A 1320 -13.52 16.46 21.89
C GLU A 1320 -12.03 16.68 21.64
N SER A 1321 -11.19 16.19 22.56
CA SER A 1321 -9.75 16.37 22.43
C SER A 1321 -9.22 15.69 21.18
N GLU A 1322 -8.22 16.30 20.57
CA GLU A 1322 -7.56 15.72 19.40
C GLU A 1322 -6.44 14.80 19.85
N VAL A 1323 -6.67 13.50 19.79
CA VAL A 1323 -5.69 12.49 20.19
C VAL A 1323 -5.41 11.60 18.98
N MET A 1324 -4.14 11.23 18.81
CA MET A 1324 -3.73 10.43 17.67
C MET A 1324 -2.39 9.78 18.00
N GLU A 1325 -2.06 8.74 17.24
CA GLU A 1325 -0.71 8.14 17.26
C GLU A 1325 -0.28 7.78 18.68
N ASN A 1326 -1.20 7.15 19.42
CA ASN A 1326 -0.95 6.74 20.80
C ASN A 1326 -0.63 7.97 21.64
N GLY A 1327 -1.60 8.88 21.70
CA GLY A 1327 -1.53 10.05 22.56
C GLY A 1327 -0.20 10.76 22.57
N ASP A 1328 0.20 11.34 21.43
CA ASP A 1328 1.56 11.87 21.33
C ASP A 1328 1.74 13.23 21.98
N ASN A 1329 0.64 13.95 22.25
CA ASN A 1329 0.73 15.26 22.90
C ASN A 1329 1.29 15.13 24.32
N PHE A 1330 0.56 14.43 25.17
CA PHE A 1330 0.90 14.16 26.56
C PHE A 1330 1.49 12.75 26.69
N SER A 1331 2.53 12.63 27.50
CA SER A 1331 3.32 11.41 27.55
C SER A 1331 2.60 10.34 28.35
N VAL A 1332 3.32 9.26 28.65
CA VAL A 1332 2.73 8.11 29.34
C VAL A 1332 2.20 8.49 30.72
N GLY A 1333 2.81 9.50 31.36
CA GLY A 1333 2.31 9.95 32.65
C GLY A 1333 0.86 10.37 32.61
N GLU A 1334 0.40 10.85 31.46
CA GLU A 1334 -1.00 11.20 31.30
C GLU A 1334 -1.80 10.11 30.60
N ARG A 1335 -1.16 9.32 29.73
CA ARG A 1335 -1.89 8.27 29.03
C ARG A 1335 -2.36 7.20 30.00
N GLN A 1336 -1.55 6.88 31.01
CA GLN A 1336 -1.95 5.88 31.98
C GLN A 1336 -3.20 6.33 32.74
N LEU A 1337 -3.24 7.60 33.16
CA LEU A 1337 -4.41 8.06 33.90
C LEU A 1337 -5.62 8.25 32.98
N LEU A 1338 -5.40 8.56 31.70
CA LEU A 1338 -6.52 8.56 30.76
C LEU A 1338 -7.13 7.18 30.65
N CYS A 1339 -6.29 6.14 30.55
CA CYS A 1339 -6.81 4.77 30.51
C CYS A 1339 -7.50 4.41 31.82
N ILE A 1340 -6.95 4.87 32.95
CA ILE A 1340 -7.59 4.63 34.24
C ILE A 1340 -8.99 5.23 34.25
N ALA A 1341 -9.11 6.47 33.79
CA ALA A 1341 -10.42 7.12 33.76
C ALA A 1341 -11.38 6.39 32.82
N ARG A 1342 -10.88 5.96 31.66
CA ARG A 1342 -11.74 5.23 30.72
C ARG A 1342 -12.26 3.94 31.34
N ALA A 1343 -11.40 3.20 32.04
CA ALA A 1343 -11.82 1.94 32.65
C ALA A 1343 -12.63 2.15 33.92
N LEU A 1344 -12.59 3.34 34.51
CA LEU A 1344 -13.38 3.60 35.71
C LEU A 1344 -14.87 3.56 35.41
N LEU A 1345 -15.27 4.09 34.26
CA LEU A 1345 -16.70 4.23 33.95
C LEU A 1345 -17.33 2.94 33.48
N ARG A 1346 -16.54 1.96 33.02
CA ARG A 1346 -17.12 0.72 32.52
C ARG A 1346 -17.81 -0.05 33.64
N HIS A 1347 -17.18 -0.10 34.82
CA HIS A 1347 -17.75 -0.75 36.00
C HIS A 1347 -18.14 -2.20 35.70
N CYS A 1348 -17.13 -3.01 35.36
CA CYS A 1348 -17.37 -4.40 35.03
C CYS A 1348 -17.47 -5.25 36.29
N LYS A 1349 -17.85 -6.51 36.09
CA LYS A 1349 -17.94 -7.45 37.21
C LYS A 1349 -16.57 -7.68 37.83
N ILE A 1350 -15.55 -7.89 37.00
CA ILE A 1350 -14.17 -8.10 37.45
C ILE A 1350 -13.28 -7.11 36.72
N LEU A 1351 -12.68 -6.19 37.47
CA LEU A 1351 -11.77 -5.19 36.92
C LEU A 1351 -10.35 -5.52 37.36
N ILE A 1352 -9.46 -5.74 36.41
CA ILE A 1352 -8.09 -6.12 36.71
C ILE A 1352 -7.14 -5.08 36.14
N LEU A 1353 -6.13 -4.73 36.92
CA LEU A 1353 -5.12 -3.73 36.54
C LEU A 1353 -3.80 -4.44 36.29
N ASP A 1354 -3.23 -4.24 35.11
CA ASP A 1354 -2.00 -4.90 34.72
C ASP A 1354 -0.85 -3.89 34.81
N GLN A 1355 -0.26 -3.80 36.00
CA GLN A 1355 0.91 -2.95 36.24
C GLN A 1355 0.60 -1.49 35.88
N ALA A 1356 -0.34 -0.92 36.61
CA ALA A 1356 -0.81 0.45 36.36
C ALA A 1356 0.11 1.51 36.94
N THR A 1357 1.15 1.11 37.68
CA THR A 1357 2.07 2.05 38.30
C THR A 1357 3.47 1.94 37.70
N ALA A 1358 3.54 1.83 36.38
CA ALA A 1358 4.83 1.67 35.71
C ALA A 1358 5.73 2.87 35.96
N ALA A 1359 5.34 4.05 35.46
CA ALA A 1359 6.14 5.26 35.60
C ALA A 1359 5.26 6.33 36.23
N MET A 1360 5.21 6.32 37.56
CA MET A 1360 4.37 7.27 38.29
C MET A 1360 5.09 7.66 39.58
N ASP A 1361 4.77 8.86 40.06
CA ASP A 1361 5.39 9.36 41.29
C ASP A 1361 4.85 8.60 42.50
N THR A 1362 5.38 8.94 43.67
CA THR A 1362 4.95 8.31 44.91
C THR A 1362 3.83 9.08 45.60
N GLU A 1363 3.80 10.39 45.48
CA GLU A 1363 2.75 11.18 46.12
C GLU A 1363 1.38 10.86 45.51
N THR A 1364 1.32 10.71 44.20
CA THR A 1364 0.05 10.41 43.54
C THR A 1364 -0.40 8.97 43.74
N ASP A 1365 0.51 8.10 44.14
CA ASP A 1365 0.18 6.70 44.34
C ASP A 1365 -1.00 6.53 45.28
N LEU A 1366 -0.89 7.05 46.49
CA LEU A 1366 -1.96 6.92 47.46
C LEU A 1366 -3.28 7.34 46.87
N LEU A 1367 -3.37 8.59 46.43
CA LEU A 1367 -4.59 9.08 45.83
C LEU A 1367 -5.12 8.04 44.86
N ILE A 1368 -4.23 7.48 44.05
CA ILE A 1368 -4.66 6.52 43.03
C ILE A 1368 -5.23 5.27 43.69
N GLN A 1369 -4.51 4.71 44.65
CA GLN A 1369 -4.99 3.50 45.30
C GLN A 1369 -6.21 3.78 46.18
N GLU A 1370 -6.29 4.97 46.78
CA GLU A 1370 -7.47 5.33 47.55
C GLU A 1370 -8.70 5.39 46.65
N THR A 1371 -8.58 6.02 45.49
CA THR A 1371 -9.70 6.08 44.56
C THR A 1371 -10.09 4.69 44.07
N ILE A 1372 -9.08 3.85 43.77
CA ILE A 1372 -9.38 2.50 43.30
C ILE A 1372 -10.11 1.70 44.37
N ARG A 1373 -9.66 1.81 45.63
CA ARG A 1373 -10.33 1.10 46.72
C ARG A 1373 -11.74 1.62 46.93
N GLU A 1374 -11.93 2.94 46.84
CA GLU A 1374 -13.26 3.51 47.03
C GLU A 1374 -14.23 3.07 45.94
N ALA A 1375 -13.76 3.04 44.68
CA ALA A 1375 -14.65 2.68 43.58
C ALA A 1375 -15.00 1.20 43.61
N PHE A 1376 -14.01 0.33 43.50
CA PHE A 1376 -14.23 -1.12 43.50
C PHE A 1376 -13.97 -1.69 44.89
N ALA A 1377 -14.83 -1.28 45.82
CA ALA A 1377 -14.67 -1.72 47.21
C ALA A 1377 -14.97 -3.21 47.35
N ASP A 1378 -16.05 -3.69 46.71
CA ASP A 1378 -16.48 -5.07 46.84
C ASP A 1378 -16.15 -5.92 45.62
N CYS A 1379 -15.59 -5.33 44.58
CA CYS A 1379 -15.30 -6.07 43.36
C CYS A 1379 -14.13 -7.02 43.57
N THR A 1380 -14.09 -8.07 42.77
CA THR A 1380 -13.01 -9.05 42.81
C THR A 1380 -11.92 -8.63 41.82
N MET A 1381 -10.73 -8.35 42.34
CA MET A 1381 -9.64 -7.83 41.51
C MET A 1381 -8.34 -8.53 41.87
N LEU A 1382 -7.43 -8.55 40.91
CA LEU A 1382 -6.08 -9.09 41.07
C LEU A 1382 -5.10 -7.99 40.69
N THR A 1383 -4.50 -7.35 41.69
CA THR A 1383 -3.65 -6.19 41.44
C THR A 1383 -2.25 -6.61 41.04
N ILE A 1384 -1.68 -5.90 40.08
CA ILE A 1384 -0.32 -6.15 39.59
C ILE A 1384 0.49 -4.89 39.80
N ALA A 1385 1.64 -5.03 40.44
CA ALA A 1385 2.52 -3.89 40.69
C ALA A 1385 3.97 -4.37 40.72
N CYS A 1386 4.87 -3.45 40.42
CA CYS A 1386 6.31 -3.74 40.45
C CYS A 1386 6.98 -3.29 41.73
N ARG A 1387 6.22 -2.73 42.68
CA ARG A 1387 6.76 -2.26 43.95
C ARG A 1387 6.10 -3.03 45.09
N LEU A 1388 6.94 -3.63 45.95
CA LEU A 1388 6.40 -4.36 47.10
C LEU A 1388 5.73 -3.44 48.10
N HIS A 1389 6.28 -2.25 48.32
CA HIS A 1389 5.75 -1.37 49.34
C HIS A 1389 4.34 -0.88 48.98
N THR A 1390 4.00 -0.88 47.70
CA THR A 1390 2.67 -0.47 47.25
C THR A 1390 1.70 -1.63 47.18
N VAL A 1391 2.13 -2.84 47.54
CA VAL A 1391 1.27 -4.02 47.51
C VAL A 1391 1.12 -4.66 48.88
N LEU A 1392 1.77 -4.11 49.91
CA LEU A 1392 1.73 -4.71 51.24
C LEU A 1392 0.32 -4.75 51.83
N GLY A 1393 -0.59 -3.90 51.34
CA GLY A 1393 -1.93 -3.87 51.87
C GLY A 1393 -2.87 -4.96 51.37
N SER A 1394 -2.42 -5.78 50.43
CA SER A 1394 -3.27 -6.83 49.89
C SER A 1394 -3.54 -7.89 50.94
N ASP A 1395 -4.73 -8.51 50.85
CA ASP A 1395 -5.10 -9.55 51.81
C ASP A 1395 -4.17 -10.75 51.71
N ARG A 1396 -3.83 -11.17 50.50
CA ARG A 1396 -2.95 -12.30 50.28
C ARG A 1396 -2.01 -11.99 49.12
N ILE A 1397 -0.85 -12.64 49.14
CA ILE A 1397 0.18 -12.46 48.11
C ILE A 1397 0.67 -13.82 47.67
N MET A 1398 1.29 -13.86 46.50
CA MET A 1398 1.86 -15.08 45.95
C MET A 1398 3.00 -14.72 45.00
N VAL A 1399 3.98 -15.62 44.90
CA VAL A 1399 5.15 -15.42 44.06
C VAL A 1399 5.42 -16.71 43.28
N LEU A 1400 6.05 -16.55 42.12
CA LEU A 1400 6.42 -17.66 41.25
C LEU A 1400 7.86 -17.47 40.81
N ALA A 1401 8.58 -18.58 40.68
CA ALA A 1401 10.00 -18.51 40.38
C ALA A 1401 10.29 -18.59 38.88
N GLN A 1402 9.98 -19.72 38.26
CA GLN A 1402 10.21 -19.88 36.83
C GLN A 1402 8.93 -20.16 36.05
N GLY A 1403 8.16 -21.17 36.44
CA GLY A 1403 6.90 -21.44 35.80
C GLY A 1403 5.84 -21.95 36.76
N GLN A 1404 6.20 -22.06 38.03
CA GLN A 1404 5.33 -22.67 39.03
C GLN A 1404 5.16 -21.71 40.20
N VAL A 1405 4.03 -21.86 40.89
CA VAL A 1405 3.70 -21.02 42.04
C VAL A 1405 4.13 -21.74 43.32
N VAL A 1406 4.89 -21.03 44.15
CA VAL A 1406 5.34 -21.55 45.43
C VAL A 1406 4.21 -21.37 46.44
N GLU A 1407 4.36 -21.98 47.62
CA GLU A 1407 3.35 -21.85 48.65
C GLU A 1407 3.16 -20.38 49.03
N PHE A 1408 1.91 -20.00 49.29
CA PHE A 1408 1.56 -18.61 49.52
C PHE A 1408 0.54 -18.50 50.64
N ASP A 1409 0.54 -17.34 51.29
CA ASP A 1409 -0.37 -17.04 52.39
C ASP A 1409 -0.41 -15.52 52.55
N THR A 1410 -0.95 -15.06 53.67
CA THR A 1410 -1.00 -13.64 53.95
C THR A 1410 0.41 -13.09 54.14
N PRO A 1411 0.64 -11.81 53.82
CA PRO A 1411 1.99 -11.25 53.97
C PRO A 1411 2.52 -11.31 55.39
N SER A 1412 1.65 -11.22 56.40
CA SER A 1412 2.11 -11.27 57.78
C SER A 1412 2.73 -12.61 58.11
N VAL A 1413 2.16 -13.70 57.61
CA VAL A 1413 2.70 -15.03 57.88
C VAL A 1413 4.09 -15.18 57.28
N LEU A 1414 4.25 -14.78 56.02
CA LEU A 1414 5.52 -14.93 55.32
C LEU A 1414 6.55 -13.90 55.77
N LEU A 1415 6.13 -12.81 56.40
CA LEU A 1415 7.10 -11.83 56.89
C LEU A 1415 7.98 -12.43 57.99
N SER A 1416 7.38 -13.20 58.89
CA SER A 1416 8.12 -13.88 59.95
C SER A 1416 8.51 -15.29 59.54
N ASN A 1417 9.22 -15.41 58.42
CA ASN A 1417 9.65 -16.70 57.90
C ASN A 1417 11.00 -16.51 57.20
N ASP A 1418 12.06 -16.96 57.86
CA ASP A 1418 13.40 -16.81 57.28
C ASP A 1418 13.55 -17.69 56.04
N SER A 1419 12.96 -18.88 56.04
CA SER A 1419 13.07 -19.82 54.93
C SER A 1419 12.09 -19.54 53.81
N SER A 1420 11.54 -18.33 53.73
CA SER A 1420 10.58 -17.96 52.69
C SER A 1420 11.25 -17.07 51.66
N ARG A 1421 10.99 -17.36 50.38
CA ARG A 1421 11.59 -16.57 49.30
C ARG A 1421 11.09 -15.13 49.31
N PHE A 1422 9.84 -14.91 49.71
CA PHE A 1422 9.32 -13.55 49.76
C PHE A 1422 10.09 -12.69 50.74
N TYR A 1423 10.35 -13.21 51.95
CA TYR A 1423 11.13 -12.47 52.93
C TYR A 1423 12.55 -12.24 52.45
N ALA A 1424 13.15 -13.25 51.80
CA ALA A 1424 14.51 -13.10 51.30
C ALA A 1424 14.61 -12.00 50.26
N MET A 1425 13.66 -11.97 49.32
CA MET A 1425 13.69 -10.93 48.29
C MET A 1425 13.33 -9.56 48.86
N PHE A 1426 12.46 -9.51 49.88
CA PHE A 1426 12.17 -8.24 50.53
C PHE A 1426 13.40 -7.70 51.24
N ALA A 1427 14.14 -8.56 51.94
CA ALA A 1427 15.38 -8.13 52.58
C ALA A 1427 16.42 -7.71 51.56
N ALA A 1428 16.53 -8.45 50.46
CA ALA A 1428 17.50 -8.13 49.42
C ALA A 1428 17.11 -6.90 48.61
N ALA A 1429 15.86 -6.44 48.71
CA ALA A 1429 15.43 -5.26 47.97
C ALA A 1429 16.09 -3.99 48.49
N GLU A 1430 16.64 -4.01 49.70
CA GLU A 1430 17.28 -2.85 50.31
C GLU A 1430 16.34 -1.65 50.37
#